data_6X6H
#
_entry.id   6X6H
#
_cell.length_a   82.148
_cell.length_b   85.226
_cell.length_c   98.841
_cell.angle_alpha   90.000
_cell.angle_beta   90.000
_cell.angle_gamma   90.000
#
_symmetry.space_group_name_H-M   'P 2 21 21'
#
loop_
_entity.id
_entity.type
_entity.pdbx_description
1 polymer 'rRNA N-glycosylase'
2 polymer 'rRNA N-glycosylase'
3 polymer 'Shiga toxin 2 B subunit'
4 polymer 'P11 peptide'
5 non-polymer 'CHLORIDE ION'
6 non-polymer 1,2-ETHANEDIOL
7 non-polymer 'ACETIC ACID'
8 water water
#
loop_
_entity_poly.entity_id
_entity_poly.type
_entity_poly.pdbx_seq_one_letter_code
_entity_poly.pdbx_strand_id
1 'polypeptide(L)'
;REFTIDFSTQQSYVSSLNSIRTEISTPLEHISQGTTSVSVINHTPPGSYFAVDIRGLDVYQARFDHLRLIIEQNNLYVAG
FVNTATNTFYRFSDFTHISVPGVTTVSMTTDSSYTTLQRVAALERSGMQISRHSLVSSYLALMEFSGNTMTRDASRAVLR
FVTVTAEALRFRQIQREFRQALSETAPVYTMTPGDVDLTLNWGRISNVLPEYRGEDGVRVGRISFNNISAILGTVAVILN
CH
;
A1
2 'polypeptide(L)' PECQITGDRPVIKINNTLWESNTAAAFLNRKSQFLYTTGK A2
3 'polypeptide(L)' ADCAKGKIEFSKYNEDDTFTVKVDGKEYWTSRWNLQPLLQSAQLTGMTVTIKSSTCESGSGFAEVQFNND B,C,D,E,F
4 'polypeptide(L)' GFGLFD P
#
# COMPACT_ATOMS: atom_id res chain seq x y z
N ARG A 1 -18.49 14.22 -26.08
CA ARG A 1 -19.75 13.54 -26.34
C ARG A 1 -20.63 13.59 -25.09
N GLU A 2 -21.88 13.14 -25.24
CA GLU A 2 -22.86 13.11 -24.16
C GLU A 2 -23.38 11.69 -23.98
N PHE A 3 -23.51 11.28 -22.72
CA PHE A 3 -24.05 9.98 -22.35
C PHE A 3 -25.09 10.17 -21.26
N THR A 4 -26.07 9.29 -21.23
CA THR A 4 -27.09 9.33 -20.21
C THR A 4 -26.82 8.23 -19.19
N ILE A 5 -27.00 8.53 -17.92
CA ILE A 5 -27.08 7.51 -16.89
C ILE A 5 -28.53 7.50 -16.40
N ASP A 6 -29.21 6.39 -16.62
CA ASP A 6 -30.64 6.25 -16.38
C ASP A 6 -30.83 5.43 -15.10
N PHE A 7 -31.26 6.09 -14.03
CA PHE A 7 -31.50 5.46 -12.73
C PHE A 7 -32.89 4.83 -12.62
N SER A 8 -33.62 4.65 -13.74
CA SER A 8 -35.00 4.15 -13.65
C SER A 8 -35.06 2.78 -12.99
N THR A 9 -34.19 1.86 -13.40
CA THR A 9 -34.18 0.50 -12.88
C THR A 9 -32.74 0.06 -12.66
N GLN A 10 -32.56 -1.06 -11.96
CA GLN A 10 -31.23 -1.64 -11.87
C GLN A 10 -30.66 -1.91 -13.26
N GLN A 11 -31.49 -2.42 -14.18
CA GLN A 11 -31.01 -2.80 -15.50
C GLN A 11 -30.63 -1.58 -16.33
N SER A 12 -31.43 -0.49 -16.26
CA SER A 12 -31.09 0.70 -17.03
C SER A 12 -29.82 1.35 -16.50
N TYR A 13 -29.60 1.30 -15.20
CA TYR A 13 -28.41 1.90 -14.60
C TYR A 13 -27.16 1.14 -15.03
N VAL A 14 -27.18 -0.18 -14.91
CA VAL A 14 -26.03 -0.98 -15.31
C VAL A 14 -25.77 -0.84 -16.79
N SER A 15 -26.83 -0.84 -17.60
CA SER A 15 -26.66 -0.70 -19.05
C SER A 15 -26.07 0.67 -19.40
N SER A 16 -26.49 1.72 -18.69
CA SER A 16 -25.95 3.07 -18.90
C SER A 16 -24.45 3.10 -18.65
N LEU A 17 -24.00 2.52 -17.52
CA LEU A 17 -22.58 2.54 -17.20
C LEU A 17 -21.77 1.72 -18.20
N ASN A 18 -22.30 0.58 -18.61
CA ASN A 18 -21.56 -0.28 -19.55
C ASN A 18 -21.41 0.39 -20.92
N SER A 19 -22.46 1.10 -21.39
CA SER A 19 -22.33 1.88 -22.61
C SER A 19 -21.20 2.89 -22.51
N ILE A 20 -21.10 3.60 -21.39
CA ILE A 20 -20.03 4.58 -21.23
C ILE A 20 -18.68 3.89 -21.26
N ARG A 21 -18.52 2.81 -20.48
CA ARG A 21 -17.26 2.07 -20.47
C ARG A 21 -16.86 1.62 -21.87
N THR A 22 -17.80 1.03 -22.63
CA THR A 22 -17.48 0.58 -23.98
C THR A 22 -17.00 1.71 -24.88
N GLU A 23 -17.52 2.92 -24.70
CA GLU A 23 -17.14 4.01 -25.60
C GLU A 23 -15.80 4.65 -25.25
N ILE A 24 -15.41 4.68 -23.97
CA ILE A 24 -14.25 5.49 -23.56
C ILE A 24 -13.06 4.65 -23.13
N SER A 25 -13.16 3.33 -23.16
CA SER A 25 -12.08 2.49 -22.66
C SER A 25 -11.98 1.22 -23.50
N THR A 26 -10.84 0.52 -23.37
CA THR A 26 -10.50 -0.65 -24.16
C THR A 26 -10.16 -1.82 -23.25
N PRO A 27 -10.76 -3.00 -23.46
CA PRO A 27 -10.52 -4.13 -22.54
C PRO A 27 -9.05 -4.56 -22.48
N LEU A 28 -8.61 -4.93 -21.27
CA LEU A 28 -7.35 -5.63 -21.09
C LEU A 28 -7.50 -7.09 -21.52
N GLU A 29 -6.61 -7.54 -22.41
CA GLU A 29 -6.73 -8.89 -22.96
C GLU A 29 -6.59 -9.96 -21.89
N HIS A 30 -5.80 -9.73 -20.86
CA HIS A 30 -5.56 -10.76 -19.86
C HIS A 30 -6.51 -10.68 -18.67
N ILE A 31 -7.44 -9.72 -18.65
CA ILE A 31 -8.42 -9.70 -17.57
C ILE A 31 -9.80 -9.50 -18.21
N SER A 32 -10.31 -10.54 -18.86
CA SER A 32 -11.53 -10.43 -19.64
C SER A 32 -12.18 -11.80 -19.70
N GLN A 33 -13.41 -11.88 -19.18
CA GLN A 33 -14.23 -13.09 -19.25
C GLN A 33 -15.53 -12.75 -19.94
N GLY A 34 -15.79 -13.39 -21.07
CA GLY A 34 -17.02 -13.16 -21.80
C GLY A 34 -17.13 -11.71 -22.21
N THR A 35 -18.18 -11.05 -21.74
CA THR A 35 -18.39 -9.64 -22.02
C THR A 35 -17.89 -8.72 -20.92
N THR A 36 -17.36 -9.28 -19.83
CA THR A 36 -16.91 -8.48 -18.68
C THR A 36 -15.39 -8.38 -18.68
N SER A 37 -14.87 -7.16 -18.58
CA SER A 37 -13.43 -6.96 -18.56
C SER A 37 -13.08 -5.84 -17.61
N VAL A 38 -11.79 -5.79 -17.25
CA VAL A 38 -11.16 -4.55 -16.82
C VAL A 38 -10.70 -3.83 -18.08
N SER A 39 -11.05 -2.56 -18.20
CA SER A 39 -10.74 -1.77 -19.38
C SER A 39 -9.88 -0.57 -19.00
N VAL A 40 -9.10 -0.09 -19.96
CA VAL A 40 -8.20 1.05 -19.78
C VAL A 40 -8.73 2.25 -20.55
N ILE A 41 -8.79 3.41 -19.88
CA ILE A 41 -9.30 4.63 -20.52
C ILE A 41 -8.47 4.96 -21.75
N ASN A 42 -9.16 5.22 -22.86
CA ASN A 42 -8.47 5.59 -24.09
C ASN A 42 -7.82 6.96 -23.94
N HIS A 43 -6.64 7.14 -24.52
CA HIS A 43 -5.97 8.44 -24.45
C HIS A 43 -6.66 9.43 -25.39
N THR A 44 -7.15 10.54 -24.83
CA THR A 44 -7.68 11.68 -25.60
C THR A 44 -6.85 12.92 -25.32
N PRO A 45 -6.98 13.99 -26.12
CA PRO A 45 -6.15 15.17 -25.88
C PRO A 45 -6.43 15.77 -24.52
N PRO A 46 -5.44 16.39 -23.90
CA PRO A 46 -5.66 17.03 -22.59
C PRO A 46 -6.77 18.07 -22.68
N GLY A 47 -7.61 18.10 -21.64
CA GLY A 47 -8.79 18.94 -21.66
C GLY A 47 -10.05 18.28 -22.14
N SER A 48 -9.97 17.09 -22.73
CA SER A 48 -11.16 16.43 -23.22
C SER A 48 -12.10 16.10 -22.07
N TYR A 49 -13.40 16.25 -22.34
CA TYR A 49 -14.41 15.91 -21.35
C TYR A 49 -15.60 15.30 -22.09
N PHE A 50 -16.46 14.62 -21.32
CA PHE A 50 -17.76 14.22 -21.80
C PHE A 50 -18.81 14.63 -20.77
N ALA A 51 -20.05 14.81 -21.24
CA ALA A 51 -21.17 15.19 -20.41
C ALA A 51 -21.98 13.97 -20.02
N VAL A 52 -22.52 13.98 -18.81
CA VAL A 52 -23.41 12.92 -18.34
C VAL A 52 -24.75 13.55 -17.98
N ASP A 53 -25.82 13.12 -18.65
CA ASP A 53 -27.16 13.59 -18.34
C ASP A 53 -27.82 12.63 -17.36
N ILE A 54 -28.29 13.16 -16.24
CA ILE A 54 -28.90 12.35 -15.19
C ILE A 54 -30.39 12.19 -15.49
N ARG A 55 -30.86 10.95 -15.56
CA ARG A 55 -32.25 10.67 -15.89
C ARG A 55 -32.77 9.55 -15.01
N GLY A 56 -34.09 9.44 -14.95
CA GLY A 56 -34.72 8.31 -14.29
C GLY A 56 -34.68 8.33 -12.78
N LEU A 57 -34.43 9.49 -12.16
CA LEU A 57 -34.47 9.59 -10.70
C LEU A 57 -35.87 9.32 -10.16
N ASP A 58 -36.90 9.72 -10.90
CA ASP A 58 -38.28 9.34 -10.62
C ASP A 58 -38.68 8.28 -11.64
N VAL A 59 -39.00 7.07 -11.15
CA VAL A 59 -39.21 5.94 -12.04
C VAL A 59 -40.42 6.16 -12.94
N TYR A 60 -41.51 6.68 -12.39
CA TYR A 60 -42.79 6.71 -13.07
C TYR A 60 -43.10 8.04 -13.74
N GLN A 61 -42.19 9.00 -13.69
CA GLN A 61 -42.44 10.31 -14.27
C GLN A 61 -41.19 10.85 -14.92
N ALA A 62 -41.37 11.61 -16.01
CA ALA A 62 -40.26 12.27 -16.70
C ALA A 62 -40.07 13.63 -16.05
N ARG A 63 -39.22 13.67 -15.02
CA ARG A 63 -38.99 14.89 -14.26
C ARG A 63 -37.60 14.79 -13.64
N PHE A 64 -37.17 15.86 -12.98
CA PHE A 64 -35.83 15.94 -12.39
C PHE A 64 -34.77 15.71 -13.46
N ASP A 65 -34.90 16.41 -14.59
CA ASP A 65 -34.08 16.11 -15.76
C ASP A 65 -33.18 17.28 -16.18
N HIS A 66 -32.82 18.17 -15.24
CA HIS A 66 -32.01 19.35 -15.56
C HIS A 66 -30.58 19.28 -15.01
N LEU A 67 -30.15 18.13 -14.52
CA LEU A 67 -28.79 17.97 -13.98
C LEU A 67 -27.90 17.30 -15.01
N ARG A 68 -26.77 17.94 -15.32
CA ARG A 68 -25.73 17.37 -16.15
C ARG A 68 -24.41 17.46 -15.41
N LEU A 69 -23.60 16.40 -15.49
CA LEU A 69 -22.26 16.39 -14.92
C LEU A 69 -21.23 16.51 -16.04
N ILE A 70 -20.17 17.26 -15.79
CA ILE A 70 -19.05 17.41 -16.72
C ILE A 70 -17.88 16.59 -16.17
N ILE A 71 -17.41 15.63 -16.96
CA ILE A 71 -16.43 14.64 -16.50
C ILE A 71 -15.18 14.71 -17.37
N GLU A 72 -14.03 14.97 -16.75
CA GLU A 72 -12.77 14.96 -17.50
C GLU A 72 -12.47 13.54 -17.96
N GLN A 73 -12.20 13.37 -19.27
CA GLN A 73 -12.32 12.04 -19.86
C GLN A 73 -11.13 11.14 -19.50
N ASN A 74 -9.93 11.70 -19.48
CA ASN A 74 -8.75 10.87 -19.26
C ASN A 74 -8.65 10.32 -17.84
N ASN A 75 -9.35 10.90 -16.88
CA ASN A 75 -9.23 10.44 -15.51
C ASN A 75 -10.55 10.29 -14.76
N LEU A 76 -11.69 10.53 -15.43
CA LEU A 76 -13.03 10.41 -14.84
C LEU A 76 -13.24 11.35 -13.63
N TYR A 77 -12.48 12.43 -13.50
CA TYR A 77 -12.75 13.41 -12.46
C TYR A 77 -13.96 14.27 -12.83
N VAL A 78 -14.79 14.58 -11.84
CA VAL A 78 -15.98 15.40 -12.08
C VAL A 78 -15.56 16.86 -11.99
N ALA A 79 -15.60 17.57 -13.12
CA ALA A 79 -15.15 18.96 -13.14
C ALA A 79 -16.20 19.92 -12.58
N GLY A 80 -17.45 19.47 -12.47
CA GLY A 80 -18.51 20.31 -12.00
C GLY A 80 -19.84 19.84 -12.54
N PHE A 81 -20.86 20.65 -12.31
CA PHE A 81 -22.23 20.29 -12.64
C PHE A 81 -22.93 21.44 -13.34
N VAL A 82 -23.83 21.08 -14.25
CA VAL A 82 -24.55 22.04 -15.08
C VAL A 82 -26.02 22.00 -14.72
N ASN A 83 -26.61 23.16 -14.50
CA ASN A 83 -28.05 23.33 -14.39
C ASN A 83 -28.53 23.72 -15.78
N THR A 84 -29.17 22.77 -16.48
CA THR A 84 -29.59 23.03 -17.85
C THR A 84 -30.84 23.90 -17.92
N ALA A 85 -31.50 24.14 -16.79
CA ALA A 85 -32.64 25.06 -16.77
C ALA A 85 -32.19 26.50 -16.74
N THR A 86 -31.09 26.80 -16.04
CA THR A 86 -30.51 28.13 -16.02
C THR A 86 -29.30 28.25 -16.94
N ASN A 87 -28.88 27.16 -17.58
CA ASN A 87 -27.73 27.16 -18.49
C ASN A 87 -26.47 27.65 -17.77
N THR A 88 -26.17 27.02 -16.64
CA THR A 88 -25.07 27.47 -15.79
C THR A 88 -24.21 26.27 -15.41
N PHE A 89 -22.90 26.39 -15.64
CA PHE A 89 -21.91 25.36 -15.32
C PHE A 89 -21.14 25.81 -14.09
N TYR A 90 -21.34 25.11 -12.98
CA TYR A 90 -20.59 25.38 -11.76
C TYR A 90 -19.34 24.51 -11.76
N ARG A 91 -18.18 25.16 -11.91
CA ARG A 91 -16.92 24.50 -12.16
C ARG A 91 -16.01 24.61 -10.94
N PHE A 92 -15.51 23.48 -10.45
CA PHE A 92 -14.57 23.48 -9.35
C PHE A 92 -13.30 24.23 -9.75
N SER A 93 -12.64 24.82 -8.76
CA SER A 93 -11.51 25.69 -9.04
C SER A 93 -10.38 24.95 -9.75
N ASP A 94 -10.23 23.66 -9.49
CA ASP A 94 -9.09 22.94 -10.05
C ASP A 94 -9.30 22.48 -11.50
N PHE A 95 -10.38 22.92 -12.16
CA PHE A 95 -10.65 22.51 -13.54
C PHE A 95 -10.77 23.71 -14.48
N THR A 96 -9.90 24.71 -14.28
CA THR A 96 -9.82 25.86 -15.19
C THR A 96 -9.63 25.43 -16.65
N HIS A 97 -8.92 24.34 -16.89
CA HIS A 97 -8.61 23.88 -18.22
C HIS A 97 -9.78 23.21 -18.94
N ILE A 98 -10.93 23.03 -18.27
CA ILE A 98 -12.12 22.44 -18.89
C ILE A 98 -13.00 23.56 -19.38
N SER A 99 -13.11 23.71 -20.70
N SER A 99 -13.14 23.70 -20.69
CA SER A 99 -13.89 24.77 -21.32
CA SER A 99 -13.89 24.78 -21.33
C SER A 99 -15.10 24.17 -22.00
C SER A 99 -15.11 24.19 -22.03
N VAL A 100 -16.29 24.56 -21.56
CA VAL A 100 -17.55 24.04 -22.07
C VAL A 100 -18.26 25.17 -22.82
N PRO A 101 -18.50 25.05 -24.12
CA PRO A 101 -19.15 26.13 -24.87
C PRO A 101 -20.64 26.19 -24.59
N GLY A 102 -21.24 27.34 -24.91
CA GLY A 102 -22.67 27.51 -24.85
C GLY A 102 -23.26 27.74 -23.47
N VAL A 103 -22.48 27.58 -22.40
CA VAL A 103 -22.99 27.71 -21.04
C VAL A 103 -22.34 28.89 -20.37
N THR A 104 -23.04 29.44 -19.37
CA THR A 104 -22.42 30.36 -18.41
C THR A 104 -21.55 29.55 -17.47
N THR A 105 -20.26 29.89 -17.37
CA THR A 105 -19.33 29.19 -16.50
C THR A 105 -19.11 30.02 -15.23
N VAL A 106 -19.39 29.43 -14.08
CA VAL A 106 -19.15 30.01 -12.77
C VAL A 106 -17.91 29.35 -12.20
N SER A 107 -16.81 30.08 -12.10
CA SER A 107 -15.58 29.49 -11.55
C SER A 107 -15.70 29.54 -10.04
N MET A 108 -15.90 28.39 -9.40
CA MET A 108 -16.05 28.37 -7.97
C MET A 108 -14.69 28.46 -7.27
N THR A 109 -14.71 28.99 -6.04
CA THR A 109 -13.50 29.04 -5.22
C THR A 109 -13.16 27.68 -4.61
N THR A 110 -14.12 26.75 -4.59
CA THR A 110 -13.99 25.45 -3.95
C THR A 110 -13.30 24.46 -4.90
N ASP A 111 -12.29 23.75 -4.40
CA ASP A 111 -11.67 22.68 -5.17
C ASP A 111 -12.44 21.36 -5.01
N SER A 112 -12.20 20.43 -5.94
CA SER A 112 -12.99 19.20 -6.04
C SER A 112 -12.53 18.08 -5.10
N SER A 113 -11.45 18.24 -4.35
CA SER A 113 -10.88 17.11 -3.63
C SER A 113 -11.86 16.57 -2.59
N TYR A 114 -11.81 15.25 -2.37
CA TYR A 114 -12.64 14.63 -1.34
C TYR A 114 -12.39 15.25 0.02
N THR A 115 -11.15 15.63 0.33
CA THR A 115 -10.85 16.28 1.60
C THR A 115 -11.66 17.56 1.75
N THR A 116 -11.67 18.39 0.70
CA THR A 116 -12.42 19.65 0.75
C THR A 116 -13.92 19.39 0.80
N LEU A 117 -14.41 18.50 -0.07
CA LEU A 117 -15.85 18.28 -0.16
C LEU A 117 -16.40 17.70 1.13
N GLN A 118 -15.66 16.77 1.75
CA GLN A 118 -16.11 16.19 3.01
C GLN A 118 -16.09 17.20 4.16
N ARG A 119 -15.15 18.15 4.13
N ARG A 119 -15.15 18.16 4.11
CA ARG A 119 -15.11 19.18 5.15
CA ARG A 119 -15.11 19.18 5.15
C ARG A 119 -16.31 20.13 5.00
C ARG A 119 -16.29 20.14 5.01
N VAL A 120 -16.57 20.60 3.77
CA VAL A 120 -17.68 21.53 3.56
C VAL A 120 -19.01 20.82 3.77
N ALA A 121 -19.11 19.55 3.35
CA ALA A 121 -20.33 18.78 3.55
C ALA A 121 -20.54 18.36 5.01
N ALA A 122 -19.51 18.44 5.84
CA ALA A 122 -19.55 17.85 7.18
C ALA A 122 -20.06 16.40 7.08
N LEU A 123 -19.50 15.65 6.15
CA LEU A 123 -19.97 14.30 5.86
C LEU A 123 -18.79 13.43 5.48
N GLU A 124 -18.61 12.31 6.17
CA GLU A 124 -17.59 11.33 5.82
C GLU A 124 -18.17 10.31 4.86
N ARG A 125 -17.38 9.92 3.85
CA ARG A 125 -17.88 8.95 2.89
C ARG A 125 -18.03 7.57 3.52
N SER A 126 -17.12 7.19 4.42
CA SER A 126 -17.25 5.90 5.07
C SER A 126 -18.47 5.91 5.97
N GLY A 127 -19.47 5.11 5.65
CA GLY A 127 -20.75 5.17 6.33
C GLY A 127 -21.79 6.05 5.67
N MET A 128 -21.44 6.76 4.60
CA MET A 128 -22.40 7.62 3.92
C MET A 128 -23.52 6.79 3.30
N GLN A 129 -24.77 7.22 3.50
CA GLN A 129 -25.93 6.52 2.95
C GLN A 129 -26.35 7.14 1.62
N ILE A 130 -26.77 6.29 0.68
CA ILE A 130 -27.32 6.76 -0.59
C ILE A 130 -28.54 5.90 -0.92
N SER A 131 -29.70 6.53 -1.08
CA SER A 131 -30.92 5.87 -1.51
C SER A 131 -31.48 6.65 -2.68
N ARG A 132 -32.56 6.13 -3.29
CA ARG A 132 -33.25 6.91 -4.30
C ARG A 132 -33.70 8.25 -3.75
N HIS A 133 -34.24 8.26 -2.52
CA HIS A 133 -34.64 9.52 -1.89
C HIS A 133 -33.47 10.50 -1.86
N SER A 134 -32.28 10.04 -1.42
CA SER A 134 -31.24 11.03 -1.23
C SER A 134 -30.66 11.51 -2.56
N LEU A 135 -30.82 10.74 -3.63
CA LEU A 135 -30.44 11.24 -4.95
C LEU A 135 -31.43 12.30 -5.45
N VAL A 136 -32.74 12.11 -5.18
CA VAL A 136 -33.70 13.17 -5.46
C VAL A 136 -33.37 14.42 -4.64
N SER A 137 -33.08 14.24 -3.36
CA SER A 137 -32.74 15.40 -2.53
C SER A 137 -31.45 16.05 -3.00
N SER A 138 -30.48 15.23 -3.41
CA SER A 138 -29.23 15.76 -3.95
C SER A 138 -29.47 16.55 -5.22
N TYR A 139 -30.31 16.03 -6.11
CA TYR A 139 -30.67 16.74 -7.35
C TYR A 139 -31.25 18.11 -7.04
N LEU A 140 -32.19 18.17 -6.08
CA LEU A 140 -32.84 19.43 -5.77
C LEU A 140 -31.85 20.43 -5.16
N ALA A 141 -30.93 19.94 -4.33
CA ALA A 141 -29.90 20.82 -3.79
C ALA A 141 -29.06 21.43 -4.91
N LEU A 142 -28.69 20.63 -5.90
CA LEU A 142 -27.84 21.14 -6.98
C LEU A 142 -28.60 22.12 -7.88
N MET A 143 -29.89 21.88 -8.13
CA MET A 143 -30.69 22.81 -8.92
C MET A 143 -30.96 24.12 -8.18
N GLU A 144 -30.93 24.11 -6.85
CA GLU A 144 -31.15 25.32 -6.08
C GLU A 144 -29.85 26.10 -5.84
N PHE A 145 -28.70 25.50 -6.11
CA PHE A 145 -27.42 26.14 -5.83
C PHE A 145 -27.18 27.32 -6.75
N SER A 146 -26.56 28.37 -6.20
CA SER A 146 -26.02 29.47 -6.99
C SER A 146 -24.81 30.05 -6.27
N GLY A 147 -24.16 31.01 -6.91
CA GLY A 147 -22.95 31.60 -6.35
C GLY A 147 -21.70 30.83 -6.72
N ASN A 148 -20.58 31.28 -6.19
CA ASN A 148 -19.29 30.73 -6.59
C ASN A 148 -18.56 30.03 -5.44
N THR A 149 -19.28 29.64 -4.38
CA THR A 149 -18.69 28.96 -3.25
C THR A 149 -19.63 27.84 -2.80
N MET A 150 -19.11 26.61 -2.78
CA MET A 150 -19.95 25.47 -2.44
C MET A 150 -20.51 25.59 -1.02
N THR A 151 -21.75 25.15 -0.85
CA THR A 151 -22.43 25.08 0.44
C THR A 151 -22.38 23.65 0.96
N ARG A 152 -22.80 23.49 2.22
CA ARG A 152 -22.88 22.15 2.80
C ARG A 152 -23.81 21.24 2.01
N ASP A 153 -25.01 21.72 1.66
CA ASP A 153 -25.96 20.85 0.97
C ASP A 153 -25.49 20.51 -0.45
N ALA A 154 -24.87 21.46 -1.17
CA ALA A 154 -24.39 21.15 -2.51
C ALA A 154 -23.22 20.16 -2.47
N SER A 155 -22.39 20.26 -1.43
CA SER A 155 -21.25 19.36 -1.29
C SER A 155 -21.70 17.93 -1.00
N ARG A 156 -22.70 17.78 -0.12
CA ARG A 156 -23.28 16.46 0.12
C ARG A 156 -23.85 15.89 -1.17
N ALA A 157 -24.51 16.74 -1.97
CA ALA A 157 -25.08 16.30 -3.23
C ALA A 157 -24.00 15.82 -4.20
N VAL A 158 -22.89 16.56 -4.27
CA VAL A 158 -21.80 16.15 -5.16
C VAL A 158 -21.17 14.84 -4.69
N LEU A 159 -20.95 14.69 -3.37
CA LEU A 159 -20.39 13.43 -2.87
C LEU A 159 -21.24 12.24 -3.30
N ARG A 160 -22.57 12.36 -3.20
CA ARG A 160 -23.43 11.24 -3.59
C ARG A 160 -23.42 11.02 -5.10
N PHE A 161 -23.51 12.09 -5.90
CA PHE A 161 -23.57 11.84 -7.33
C PHE A 161 -22.24 11.37 -7.90
N VAL A 162 -21.11 11.84 -7.35
CA VAL A 162 -19.82 11.32 -7.82
C VAL A 162 -19.69 9.84 -7.50
N THR A 163 -20.19 9.40 -6.33
CA THR A 163 -20.07 7.99 -5.97
C THR A 163 -20.80 7.09 -6.95
N VAL A 164 -22.04 7.47 -7.34
CA VAL A 164 -22.86 6.60 -8.17
C VAL A 164 -22.66 6.82 -9.67
N THR A 165 -21.82 7.79 -10.06
CA THR A 165 -21.48 7.92 -11.47
C THR A 165 -20.00 7.56 -11.66
N ALA A 166 -19.09 8.49 -11.37
CA ALA A 166 -17.67 8.29 -11.70
C ALA A 166 -17.06 7.12 -10.93
N GLU A 167 -17.33 6.99 -9.63
CA GLU A 167 -16.72 5.89 -8.88
C GLU A 167 -17.32 4.54 -9.27
N ALA A 168 -18.63 4.50 -9.53
CA ALA A 168 -19.24 3.27 -10.03
C ALA A 168 -18.72 2.91 -11.42
N LEU A 169 -18.43 3.90 -12.28
CA LEU A 169 -17.81 3.57 -13.57
C LEU A 169 -16.48 2.87 -13.37
N ARG A 170 -15.69 3.34 -12.39
CA ARG A 170 -14.39 2.75 -12.10
C ARG A 170 -14.52 1.37 -11.49
N PHE A 171 -15.44 1.21 -10.53
CA PHE A 171 -15.46 0.03 -9.67
C PHE A 171 -16.80 -0.68 -9.81
N ARG A 172 -16.77 -1.84 -10.46
CA ARG A 172 -17.95 -2.70 -10.52
C ARG A 172 -18.50 -3.00 -9.12
N GLN A 173 -17.63 -3.05 -8.10
CA GLN A 173 -18.11 -3.32 -6.74
C GLN A 173 -19.10 -2.25 -6.30
N ILE A 174 -18.77 -0.98 -6.51
CA ILE A 174 -19.66 0.09 -6.10
C ILE A 174 -20.94 0.07 -6.93
N GLN A 175 -20.81 -0.14 -8.24
CA GLN A 175 -21.98 -0.32 -9.10
C GLN A 175 -22.93 -1.37 -8.54
N ARG A 176 -22.40 -2.56 -8.23
CA ARG A 176 -23.25 -3.66 -7.80
C ARG A 176 -23.88 -3.36 -6.44
N GLU A 177 -23.11 -2.78 -5.51
CA GLU A 177 -23.64 -2.47 -4.19
C GLU A 177 -24.71 -1.39 -4.26
N PHE A 178 -24.47 -0.33 -5.04
CA PHE A 178 -25.42 0.77 -5.05
C PHE A 178 -26.70 0.41 -5.80
N ARG A 179 -26.60 -0.38 -6.88
CA ARG A 179 -27.76 -0.60 -7.72
C ARG A 179 -28.93 -1.24 -6.97
N GLN A 180 -28.67 -1.92 -5.85
CA GLN A 180 -29.77 -2.47 -5.06
C GLN A 180 -30.74 -1.38 -4.64
N ALA A 181 -30.23 -0.16 -4.42
CA ALA A 181 -31.08 0.95 -3.98
C ALA A 181 -32.12 1.36 -5.01
N LEU A 182 -31.95 0.96 -6.28
CA LEU A 182 -32.86 1.36 -7.34
C LEU A 182 -34.04 0.41 -7.53
N SER A 183 -34.07 -0.69 -6.79
CA SER A 183 -35.16 -1.65 -6.94
C SER A 183 -36.43 -1.12 -6.29
N GLU A 184 -37.52 -1.85 -6.51
CA GLU A 184 -38.83 -1.45 -5.99
C GLU A 184 -38.87 -1.45 -4.46
N THR A 185 -38.10 -2.31 -3.81
CA THR A 185 -38.08 -2.32 -2.35
C THR A 185 -37.25 -1.16 -1.79
N ALA A 186 -36.48 -0.48 -2.63
CA ALA A 186 -35.75 0.73 -2.29
C ALA A 186 -34.92 0.63 -1.01
N PRO A 187 -33.97 -0.32 -0.94
CA PRO A 187 -33.09 -0.37 0.24
C PRO A 187 -32.09 0.77 0.22
N VAL A 188 -31.23 0.87 1.24
CA VAL A 188 -30.25 1.95 1.33
C VAL A 188 -28.88 1.39 1.05
N TYR A 189 -28.14 2.05 0.18
CA TYR A 189 -26.74 1.75 -0.02
C TYR A 189 -25.92 2.51 1.02
N THR A 190 -25.04 1.80 1.72
CA THR A 190 -24.15 2.41 2.70
C THR A 190 -22.71 2.18 2.22
N MET A 191 -21.98 3.26 2.00
CA MET A 191 -20.62 3.14 1.50
C MET A 191 -19.73 2.56 2.59
N THR A 192 -18.96 1.52 2.23
CA THR A 192 -18.16 0.79 3.20
C THR A 192 -16.74 1.31 3.23
N PRO A 193 -15.99 1.01 4.30
CA PRO A 193 -14.55 1.35 4.29
C PRO A 193 -13.82 0.75 3.10
N GLY A 194 -14.17 -0.48 2.73
CA GLY A 194 -13.59 -1.08 1.53
C GLY A 194 -13.89 -0.31 0.27
N ASP A 195 -15.14 0.13 0.10
CA ASP A 195 -15.47 1.02 -1.02
C ASP A 195 -14.57 2.25 -1.03
N VAL A 196 -14.41 2.90 0.13
CA VAL A 196 -13.57 4.09 0.21
C VAL A 196 -12.13 3.75 -0.14
N ASP A 197 -11.61 2.65 0.42
CA ASP A 197 -10.25 2.20 0.10
C ASP A 197 -10.04 2.06 -1.40
N LEU A 198 -11.00 1.45 -2.12
CA LEU A 198 -10.86 1.36 -3.57
C LEU A 198 -10.70 2.72 -4.22
N THR A 199 -11.56 3.67 -3.85
CA THR A 199 -11.52 4.97 -4.53
C THR A 199 -10.22 5.72 -4.26
N LEU A 200 -9.60 5.50 -3.10
CA LEU A 200 -8.36 6.20 -2.78
C LEU A 200 -7.12 5.48 -3.29
N ASN A 201 -7.29 4.32 -3.94
CA ASN A 201 -6.14 3.59 -4.46
C ASN A 201 -6.30 3.26 -5.93
N TRP A 202 -7.13 4.03 -6.64
CA TRP A 202 -7.37 3.77 -8.05
C TRP A 202 -6.07 3.87 -8.86
N GLY A 203 -5.23 4.85 -8.54
CA GLY A 203 -3.98 4.98 -9.27
C GLY A 203 -3.04 3.81 -9.06
N ARG A 204 -2.90 3.36 -7.80
CA ARG A 204 -2.08 2.19 -7.51
C ARG A 204 -2.58 0.95 -8.24
N ILE A 205 -3.89 0.72 -8.20
CA ILE A 205 -4.48 -0.41 -8.93
C ILE A 205 -4.24 -0.26 -10.42
N SER A 206 -4.39 0.96 -10.95
CA SER A 206 -4.22 1.19 -12.38
C SER A 206 -2.79 0.91 -12.82
N ASN A 207 -1.82 1.08 -11.92
CA ASN A 207 -0.42 0.83 -12.27
C ASN A 207 -0.08 -0.66 -12.27
N VAL A 208 -0.84 -1.47 -11.55
CA VAL A 208 -0.52 -2.90 -11.38
C VAL A 208 -1.26 -3.78 -12.38
N LEU A 209 -2.57 -3.59 -12.54
CA LEU A 209 -3.35 -4.51 -13.37
C LEU A 209 -2.86 -4.64 -14.82
N PRO A 210 -2.36 -3.60 -15.51
CA PRO A 210 -1.85 -3.85 -16.87
C PRO A 210 -0.70 -4.85 -16.95
N GLU A 211 -0.03 -5.14 -15.84
CA GLU A 211 1.06 -6.12 -15.83
C GLU A 211 0.57 -7.55 -15.61
N TYR A 212 -0.70 -7.75 -15.30
CA TYR A 212 -1.21 -9.07 -14.99
C TYR A 212 -1.16 -9.97 -16.23
N ARG A 213 -0.61 -11.19 -16.06
CA ARG A 213 -0.46 -12.16 -17.14
C ARG A 213 -0.86 -13.54 -16.68
N GLY A 214 -1.96 -13.64 -15.92
CA GLY A 214 -2.46 -14.92 -15.50
C GLY A 214 -1.91 -15.46 -14.20
N GLU A 215 -1.31 -14.61 -13.37
CA GLU A 215 -0.79 -15.05 -12.08
C GLU A 215 -1.94 -15.48 -11.17
N ASP A 216 -1.58 -16.19 -10.09
CA ASP A 216 -2.59 -16.70 -9.18
C ASP A 216 -3.25 -15.59 -8.35
N GLY A 217 -2.59 -14.45 -8.18
CA GLY A 217 -3.19 -13.41 -7.37
C GLY A 217 -2.53 -12.08 -7.66
N VAL A 218 -3.15 -11.02 -7.14
CA VAL A 218 -2.66 -9.65 -7.24
C VAL A 218 -2.75 -9.03 -5.84
N ARG A 219 -1.71 -8.29 -5.44
CA ARG A 219 -1.66 -7.62 -4.15
C ARG A 219 -1.26 -6.17 -4.35
N VAL A 220 -2.13 -5.25 -3.93
CA VAL A 220 -1.88 -3.81 -4.00
C VAL A 220 -2.17 -3.27 -2.61
N GLY A 221 -1.13 -2.99 -1.82
CA GLY A 221 -1.35 -2.57 -0.45
C GLY A 221 -2.23 -3.57 0.29
N ARG A 222 -3.31 -3.07 0.89
CA ARG A 222 -4.25 -3.88 1.62
C ARG A 222 -5.26 -4.61 0.74
N ILE A 223 -5.26 -4.33 -0.57
CA ILE A 223 -6.20 -4.93 -1.51
C ILE A 223 -5.61 -6.24 -2.03
N SER A 224 -6.43 -7.29 -2.02
CA SER A 224 -6.01 -8.59 -2.51
C SER A 224 -7.04 -9.12 -3.50
N PHE A 225 -6.58 -9.56 -4.67
CA PHE A 225 -7.40 -10.29 -5.64
C PHE A 225 -6.80 -11.67 -5.81
N ASN A 226 -7.54 -12.70 -5.42
CA ASN A 226 -7.01 -14.06 -5.41
C ASN A 226 -7.38 -14.88 -6.64
N ASN A 227 -8.16 -14.32 -7.56
CA ASN A 227 -8.44 -14.96 -8.85
C ASN A 227 -9.01 -13.91 -9.79
N ILE A 228 -9.15 -14.28 -11.06
CA ILE A 228 -9.70 -13.35 -12.05
C ILE A 228 -11.09 -12.92 -11.66
N SER A 229 -11.92 -13.86 -11.18
CA SER A 229 -13.27 -13.53 -10.77
C SER A 229 -13.28 -12.39 -9.76
N ALA A 230 -12.33 -12.38 -8.82
CA ALA A 230 -12.26 -11.31 -7.83
C ALA A 230 -11.96 -9.97 -8.47
N ILE A 231 -11.04 -9.94 -9.44
CA ILE A 231 -10.71 -8.68 -10.11
C ILE A 231 -11.94 -8.15 -10.84
N LEU A 232 -12.57 -9.02 -11.63
CA LEU A 232 -13.71 -8.58 -12.44
C LEU A 232 -14.88 -8.15 -11.59
N GLY A 233 -15.06 -8.75 -10.42
CA GLY A 233 -16.15 -8.31 -9.56
C GLY A 233 -15.90 -6.97 -8.88
N THR A 234 -14.67 -6.46 -8.94
CA THR A 234 -14.29 -5.27 -8.19
C THR A 234 -13.98 -4.07 -9.09
N VAL A 235 -13.11 -4.24 -10.07
CA VAL A 235 -12.57 -3.14 -10.87
C VAL A 235 -13.12 -3.24 -12.29
N ALA A 236 -13.62 -2.12 -12.83
CA ALA A 236 -14.12 -2.09 -14.20
C ALA A 236 -13.26 -1.27 -15.14
N VAL A 237 -12.81 -0.09 -14.71
CA VAL A 237 -12.09 0.86 -15.55
C VAL A 237 -10.90 1.41 -14.77
N ILE A 238 -9.72 1.40 -15.40
CA ILE A 238 -8.49 1.92 -14.79
C ILE A 238 -7.89 3.02 -15.66
N LEU A 239 -7.10 3.88 -15.03
CA LEU A 239 -6.29 4.86 -15.74
C LEU A 239 -5.37 4.18 -16.75
N ASN A 240 -4.90 4.97 -17.70
CA ASN A 240 -3.94 4.54 -18.71
C ASN A 240 -2.56 5.02 -18.25
N CYS A 241 -1.81 4.13 -17.58
CA CYS A 241 -0.49 4.45 -17.05
C CYS A 241 0.58 4.10 -18.10
N HIS A 242 0.72 4.97 -19.08
CA HIS A 242 1.70 4.75 -20.15
C HIS A 242 3.12 4.90 -19.64
N PRO B 1 0.05 11.06 -13.25
CA PRO B 1 0.52 11.42 -11.91
C PRO B 1 0.02 10.46 -10.84
N GLU B 2 -1.26 10.11 -10.92
CA GLU B 2 -1.87 9.23 -9.94
C GLU B 2 -1.31 7.81 -10.00
N CYS B 3 -0.66 7.44 -11.09
CA CYS B 3 -0.22 6.05 -11.26
C CYS B 3 0.91 5.69 -10.31
N GLN B 4 1.81 6.64 -10.04
CA GLN B 4 3.06 6.35 -9.33
C GLN B 4 3.06 7.04 -7.98
N ILE B 5 3.45 6.28 -6.95
CA ILE B 5 3.74 6.85 -5.64
C ILE B 5 5.23 7.21 -5.59
N THR B 6 6.09 6.19 -5.58
CA THR B 6 7.52 6.36 -5.63
C THR B 6 8.13 5.25 -6.50
N GLY B 7 9.36 5.48 -6.95
CA GLY B 7 10.07 4.48 -7.72
C GLY B 7 9.58 4.38 -9.15
N ASP B 8 10.05 3.33 -9.82
CA ASP B 8 9.78 3.14 -11.24
C ASP B 8 9.45 1.71 -11.61
N ARG B 9 9.24 0.82 -10.64
CA ARG B 9 8.98 -0.57 -10.93
C ARG B 9 7.55 -0.91 -10.54
N PRO B 10 6.64 -1.06 -11.50
CA PRO B 10 5.23 -1.25 -11.13
C PRO B 10 4.97 -2.47 -10.26
N VAL B 11 5.53 -3.63 -10.62
CA VAL B 11 5.17 -4.89 -9.96
C VAL B 11 6.41 -5.75 -9.73
N ILE B 12 6.27 -6.67 -8.78
CA ILE B 12 7.23 -7.75 -8.56
C ILE B 12 6.42 -9.04 -8.50
N LYS B 13 6.79 -10.01 -9.32
CA LYS B 13 6.16 -11.32 -9.31
C LYS B 13 6.85 -12.17 -8.26
N ILE B 14 6.10 -12.61 -7.25
CA ILE B 14 6.64 -13.42 -6.15
C ILE B 14 5.73 -14.64 -6.04
N ASN B 15 6.27 -15.82 -6.33
CA ASN B 15 5.55 -17.09 -6.15
C ASN B 15 4.20 -17.05 -6.86
N ASN B 16 4.23 -16.72 -8.14
CA ASN B 16 3.04 -16.68 -8.98
C ASN B 16 1.98 -15.72 -8.44
N THR B 17 2.39 -14.72 -7.65
CA THR B 17 1.51 -13.65 -7.21
C THR B 17 2.13 -12.31 -7.59
N LEU B 18 1.31 -11.42 -8.16
CA LEU B 18 1.79 -10.11 -8.62
C LEU B 18 1.61 -9.08 -7.51
N TRP B 19 2.73 -8.56 -6.99
CA TRP B 19 2.74 -7.55 -5.94
C TRP B 19 3.05 -6.17 -6.50
N GLU B 20 2.32 -5.15 -6.05
CA GLU B 20 2.83 -3.79 -6.18
C GLU B 20 4.19 -3.71 -5.50
N SER B 21 5.20 -3.23 -6.23
N SER B 21 5.20 -3.23 -6.23
CA SER B 21 6.57 -3.29 -5.72
CA SER B 21 6.57 -3.28 -5.72
C SER B 21 6.75 -2.46 -4.44
C SER B 21 6.69 -2.51 -4.41
N ASN B 22 6.02 -1.35 -4.32
CA ASN B 22 6.10 -0.53 -3.11
C ASN B 22 5.52 -1.25 -1.89
N THR B 23 4.51 -2.09 -2.07
CA THR B 23 3.96 -2.84 -0.94
C THR B 23 4.98 -3.85 -0.43
N ALA B 24 5.58 -4.61 -1.34
CA ALA B 24 6.61 -5.58 -0.93
C ALA B 24 7.79 -4.88 -0.27
N ALA B 25 8.24 -3.75 -0.82
CA ALA B 25 9.38 -3.05 -0.25
C ALA B 25 9.10 -2.60 1.17
N ALA B 26 7.83 -2.28 1.47
CA ALA B 26 7.45 -1.74 2.78
C ALA B 26 7.41 -2.77 3.89
N PHE B 27 7.47 -4.07 3.59
CA PHE B 27 7.67 -5.06 4.65
C PHE B 27 8.97 -5.81 4.52
N LEU B 28 9.74 -5.56 3.46
CA LEU B 28 11.06 -6.16 3.33
C LEU B 28 12.17 -5.28 3.88
N ASN B 29 11.86 -4.06 4.32
CA ASN B 29 12.84 -3.12 4.86
C ASN B 29 13.05 -3.29 6.37
N ARG B 30 12.91 -4.52 6.88
CA ARG B 30 13.02 -4.81 8.30
C ARG B 30 14.46 -5.23 8.63
N LYS B 31 15.10 -4.50 9.54
CA LYS B 31 16.45 -4.87 9.97
C LYS B 31 16.40 -6.18 10.78
N SER B 32 17.59 -6.74 11.00
CA SER B 32 17.70 -7.95 11.82
C SER B 32 17.08 -7.71 13.20
N GLN B 33 16.18 -8.62 13.60
CA GLN B 33 15.28 -8.33 14.71
C GLN B 33 16.04 -8.07 16.01
N PHE B 34 17.20 -8.71 16.20
CA PHE B 34 17.94 -8.52 17.44
C PHE B 34 18.35 -7.07 17.68
N LEU B 35 18.43 -6.25 16.63
CA LEU B 35 18.85 -4.87 16.82
C LEU B 35 17.84 -4.06 17.64
N TYR B 36 16.61 -4.56 17.80
CA TYR B 36 15.66 -3.90 18.68
C TYR B 36 16.06 -4.01 20.15
N THR B 37 16.93 -4.95 20.51
CA THR B 37 17.26 -5.18 21.90
C THR B 37 18.66 -4.71 22.28
N THR B 38 19.43 -4.15 21.35
CA THR B 38 20.81 -3.78 21.64
C THR B 38 20.96 -2.36 22.15
N GLY B 39 20.14 -1.43 21.70
CA GLY B 39 20.28 -0.04 22.09
C GLY B 39 21.13 0.77 21.14
N LYS B 40 21.43 1.99 21.56
CA LYS B 40 22.26 2.89 20.78
C LYS B 40 23.71 2.84 21.24
N ALA C 1 37.00 -13.69 -3.93
CA ALA C 1 36.64 -13.93 -5.33
C ALA C 1 35.13 -14.14 -5.43
N ASP C 2 34.57 -13.95 -6.63
CA ASP C 2 33.16 -14.25 -6.87
C ASP C 2 32.95 -15.77 -6.90
N CYS C 3 32.31 -16.30 -5.87
CA CYS C 3 32.14 -17.75 -5.75
C CYS C 3 30.96 -18.27 -6.55
N ALA C 4 29.86 -17.51 -6.60
CA ALA C 4 28.63 -17.98 -7.20
C ALA C 4 27.75 -16.78 -7.49
N LYS C 5 27.07 -16.80 -8.63
CA LYS C 5 26.23 -15.68 -9.02
C LYS C 5 24.94 -16.22 -9.63
N GLY C 6 23.81 -15.66 -9.21
CA GLY C 6 22.53 -16.07 -9.74
C GLY C 6 21.43 -15.80 -8.72
N LYS C 7 20.27 -16.39 -8.96
CA LYS C 7 19.16 -16.27 -8.01
C LYS C 7 19.36 -17.20 -6.82
N ILE C 8 18.81 -16.81 -5.68
CA ILE C 8 18.84 -17.67 -4.50
C ILE C 8 17.82 -18.78 -4.68
N GLU C 9 18.29 -20.03 -4.67
CA GLU C 9 17.40 -21.18 -4.87
C GLU C 9 16.66 -21.57 -3.61
N PHE C 10 17.30 -21.45 -2.45
CA PHE C 10 16.61 -21.52 -1.17
C PHE C 10 17.47 -20.81 -0.14
N SER C 11 16.86 -20.47 1.00
CA SER C 11 17.62 -19.97 2.14
C SER C 11 17.21 -20.79 3.36
N LYS C 12 18.02 -20.74 4.41
CA LYS C 12 17.73 -21.55 5.59
C LYS C 12 18.31 -20.88 6.83
N TYR C 13 17.47 -20.68 7.84
CA TYR C 13 17.95 -20.27 9.15
C TYR C 13 18.38 -21.51 9.92
N ASN C 14 19.61 -21.51 10.41
CA ASN C 14 20.21 -22.68 11.05
C ASN C 14 20.15 -22.59 12.57
N GLU C 15 20.24 -23.75 13.22
CA GLU C 15 20.07 -23.85 14.67
C GLU C 15 21.17 -23.12 15.44
N ASP C 16 22.32 -22.87 14.82
CA ASP C 16 23.38 -22.09 15.47
C ASP C 16 23.26 -20.61 15.15
N ASP C 17 22.13 -20.19 14.60
CA ASP C 17 21.78 -18.81 14.25
C ASP C 17 22.58 -18.28 13.05
N THR C 18 23.28 -19.16 12.32
CA THR C 18 23.81 -18.80 11.02
C THR C 18 22.72 -18.90 9.95
N PHE C 19 23.08 -18.58 8.70
CA PHE C 19 22.10 -18.47 7.62
C PHE C 19 22.74 -18.99 6.35
N THR C 20 22.06 -19.92 5.69
CA THR C 20 22.57 -20.59 4.48
C THR C 20 21.78 -20.14 3.27
N VAL C 21 22.47 -19.95 2.14
CA VAL C 21 21.79 -19.78 0.86
C VAL C 21 22.42 -20.72 -0.16
N LYS C 22 21.60 -21.15 -1.12
CA LYS C 22 22.05 -21.92 -2.26
C LYS C 22 21.96 -21.05 -3.51
N VAL C 23 23.10 -20.86 -4.19
CA VAL C 23 23.18 -20.03 -5.39
C VAL C 23 23.93 -20.82 -6.46
N ASP C 24 23.36 -20.89 -7.66
CA ASP C 24 24.01 -21.56 -8.81
C ASP C 24 24.49 -22.96 -8.42
N GLY C 25 23.66 -23.69 -7.68
CA GLY C 25 23.95 -25.06 -7.32
C GLY C 25 24.90 -25.27 -6.17
N LYS C 26 25.34 -24.20 -5.50
CA LYS C 26 26.30 -24.31 -4.40
C LYS C 26 25.74 -23.62 -3.15
N GLU C 27 26.02 -24.21 -1.98
CA GLU C 27 25.54 -23.70 -0.70
C GLU C 27 26.65 -22.95 0.05
N TYR C 28 26.26 -21.87 0.74
CA TYR C 28 27.20 -21.09 1.55
C TYR C 28 26.48 -20.60 2.79
N TRP C 29 27.21 -20.40 3.87
CA TRP C 29 26.61 -19.97 5.13
C TRP C 29 27.32 -18.73 5.66
N THR C 30 26.57 -17.89 6.36
CA THR C 30 27.14 -16.69 6.97
C THR C 30 26.70 -16.58 8.42
N SER C 31 27.58 -16.05 9.25
CA SER C 31 27.27 -15.75 10.64
C SER C 31 26.93 -14.28 10.85
N ARG C 32 26.86 -13.48 9.79
CA ARG C 32 26.52 -12.06 9.92
C ARG C 32 25.00 -11.94 9.96
N TRP C 33 24.46 -11.60 11.12
CA TRP C 33 23.00 -11.53 11.27
C TRP C 33 22.38 -10.48 10.36
N ASN C 34 23.08 -9.36 10.11
CA ASN C 34 22.52 -8.34 9.22
C ASN C 34 22.29 -8.86 7.81
N LEU C 35 22.99 -9.92 7.39
CA LEU C 35 22.77 -10.45 6.05
C LEU C 35 21.46 -11.21 5.92
N GLN C 36 20.83 -11.59 7.03
CA GLN C 36 19.63 -12.44 6.94
C GLN C 36 18.47 -11.75 6.24
N PRO C 37 18.00 -10.57 6.67
CA PRO C 37 16.91 -9.92 5.93
C PRO C 37 17.29 -9.54 4.50
N LEU C 38 18.54 -9.13 4.27
CA LEU C 38 18.96 -8.76 2.92
C LEU C 38 18.91 -9.94 1.96
N LEU C 39 19.35 -11.12 2.41
CA LEU C 39 19.31 -12.30 1.54
C LEU C 39 17.88 -12.77 1.30
N GLN C 40 17.04 -12.81 2.35
CA GLN C 40 15.66 -13.26 2.10
C GLN C 40 14.92 -12.27 1.21
N SER C 41 15.16 -10.96 1.37
CA SER C 41 14.51 -10.00 0.49
C SER C 41 14.97 -10.20 -0.96
N ALA C 42 16.27 -10.47 -1.15
CA ALA C 42 16.80 -10.74 -2.49
C ALA C 42 16.18 -12.00 -3.08
N GLN C 43 15.99 -13.03 -2.24
CA GLN C 43 15.38 -14.27 -2.72
C GLN C 43 13.95 -14.04 -3.18
N LEU C 44 13.17 -13.28 -2.40
CA LEU C 44 11.77 -13.06 -2.75
C LEU C 44 11.59 -12.19 -3.99
N THR C 45 12.47 -11.20 -4.21
CA THR C 45 12.27 -10.29 -5.33
C THR C 45 13.05 -10.68 -6.57
N GLY C 46 13.77 -11.80 -6.55
CA GLY C 46 14.45 -12.26 -7.74
C GLY C 46 15.75 -11.54 -8.05
N MET C 47 16.37 -10.90 -7.06
CA MET C 47 17.65 -10.29 -7.31
C MET C 47 18.68 -11.34 -7.70
N THR C 48 19.59 -10.95 -8.60
CA THR C 48 20.83 -11.69 -8.80
C THR C 48 21.80 -11.33 -7.68
N VAL C 49 22.35 -12.34 -7.00
CA VAL C 49 23.29 -12.11 -5.92
C VAL C 49 24.63 -12.72 -6.31
N THR C 50 25.71 -12.10 -5.84
CA THR C 50 27.06 -12.60 -6.04
C THR C 50 27.63 -12.92 -4.67
N ILE C 51 27.95 -14.19 -4.42
CA ILE C 51 28.61 -14.58 -3.17
C ILE C 51 30.11 -14.40 -3.34
N LYS C 52 30.72 -13.71 -2.39
CA LYS C 52 32.14 -13.39 -2.46
C LYS C 52 32.84 -13.91 -1.20
N SER C 53 33.95 -14.60 -1.39
CA SER C 53 34.69 -15.16 -0.26
C SER C 53 36.07 -15.59 -0.74
N SER C 54 37.00 -15.67 0.21
CA SER C 54 38.34 -16.16 -0.12
C SER C 54 38.37 -17.65 -0.39
N THR C 55 37.41 -18.41 0.12
CA THR C 55 37.26 -19.82 -0.23
C THR C 55 35.87 -20.03 -0.82
N CYS C 56 35.81 -20.73 -1.95
CA CYS C 56 34.59 -20.77 -2.75
C CYS C 56 33.96 -22.15 -2.87
N GLU C 57 34.50 -23.17 -2.22
CA GLU C 57 33.90 -24.49 -2.32
C GLU C 57 32.53 -24.50 -1.66
N SER C 58 31.64 -25.34 -2.20
CA SER C 58 30.30 -25.48 -1.65
C SER C 58 30.37 -25.92 -0.19
N GLY C 59 29.59 -25.26 0.66
CA GLY C 59 29.57 -25.55 2.08
C GLY C 59 30.40 -24.62 2.95
N SER C 60 31.10 -23.65 2.37
CA SER C 60 31.98 -22.79 3.14
C SER C 60 31.27 -21.49 3.54
N GLY C 61 31.97 -20.69 4.37
CA GLY C 61 31.40 -19.48 4.89
C GLY C 61 31.64 -18.26 3.99
N PHE C 62 30.83 -17.22 4.20
CA PHE C 62 30.94 -15.98 3.47
C PHE C 62 30.43 -14.82 4.32
N ALA C 63 30.88 -13.61 3.99
CA ALA C 63 30.43 -12.40 4.68
C ALA C 63 30.41 -11.19 3.75
N GLU C 64 30.29 -11.41 2.44
CA GLU C 64 30.29 -10.35 1.45
C GLU C 64 29.44 -10.81 0.28
N VAL C 65 28.51 -9.96 -0.16
N VAL C 65 28.53 -9.94 -0.15
CA VAL C 65 27.63 -10.32 -1.26
CA VAL C 65 27.61 -10.25 -1.24
C VAL C 65 27.12 -9.06 -1.96
C VAL C 65 27.33 -8.97 -2.00
N GLN C 66 27.11 -9.10 -3.30
CA GLN C 66 26.60 -8.02 -4.12
C GLN C 66 25.17 -8.34 -4.53
N PHE C 67 24.32 -7.30 -4.59
CA PHE C 67 22.91 -7.44 -4.94
C PHE C 67 22.61 -6.62 -6.19
N ASN C 68 22.08 -7.28 -7.22
CA ASN C 68 21.65 -6.65 -8.46
C ASN C 68 20.18 -6.97 -8.72
N ASN C 69 19.40 -5.96 -9.12
CA ASN C 69 18.02 -6.21 -9.53
C ASN C 69 17.96 -7.13 -10.75
N ASP C 70 18.73 -6.82 -11.79
CA ASP C 70 18.66 -7.55 -13.07
C ASP C 70 17.23 -7.80 -13.55
N ALA D 1 27.27 18.05 1.28
CA ALA D 1 26.96 18.35 -0.10
C ALA D 1 26.24 17.19 -0.76
N ASP D 2 25.51 17.45 -1.84
CA ASP D 2 24.82 16.39 -2.58
C ASP D 2 25.83 15.71 -3.49
N CYS D 3 26.21 14.48 -3.16
CA CYS D 3 27.25 13.80 -3.91
C CYS D 3 26.71 13.14 -5.17
N ALA D 4 25.53 12.53 -5.09
CA ALA D 4 24.99 11.71 -6.16
C ALA D 4 23.49 11.56 -5.98
N LYS D 5 22.75 11.64 -7.08
CA LYS D 5 21.30 11.45 -7.06
C LYS D 5 20.89 10.53 -8.20
N GLY D 6 20.11 9.51 -7.87
CA GLY D 6 19.66 8.56 -8.85
C GLY D 6 19.22 7.28 -8.17
N LYS D 7 18.89 6.29 -8.99
CA LYS D 7 18.54 4.97 -8.48
C LYS D 7 19.79 4.20 -8.11
N ILE D 8 19.63 3.26 -7.18
CA ILE D 8 20.74 2.41 -6.73
C ILE D 8 21.02 1.37 -7.81
N GLU D 9 22.20 1.43 -8.42
N GLU D 9 22.19 1.45 -8.44
CA GLU D 9 22.52 0.53 -9.53
CA GLU D 9 22.54 0.53 -9.53
C GLU D 9 22.86 -0.87 -9.03
C GLU D 9 22.82 -0.86 -9.00
N PHE D 10 23.58 -0.96 -7.90
CA PHE D 10 23.71 -2.22 -7.18
C PHE D 10 24.06 -1.87 -5.73
N SER D 11 24.04 -2.88 -4.87
CA SER D 11 24.45 -2.69 -3.49
C SER D 11 25.33 -3.86 -3.08
N LYS D 12 26.04 -3.68 -1.96
CA LYS D 12 27.01 -4.67 -1.54
C LYS D 12 27.14 -4.64 -0.02
N TYR D 13 26.99 -5.80 0.60
CA TYR D 13 27.35 -6.00 2.00
C TYR D 13 28.83 -6.36 2.07
N ASN D 14 29.60 -5.59 2.85
CA ASN D 14 31.05 -5.75 2.92
C ASN D 14 31.46 -6.56 4.14
N GLU D 15 32.66 -7.18 4.04
CA GLU D 15 33.17 -8.05 5.10
C GLU D 15 33.46 -7.31 6.40
N ASP D 16 33.61 -5.99 6.37
CA ASP D 16 33.73 -5.23 7.62
C ASP D 16 32.38 -4.79 8.16
N ASP D 17 31.29 -5.37 7.64
CA ASP D 17 29.91 -5.12 8.03
C ASP D 17 29.43 -3.74 7.62
N THR D 18 30.14 -3.05 6.74
CA THR D 18 29.60 -1.85 6.12
C THR D 18 28.77 -2.23 4.90
N PHE D 19 28.19 -1.22 4.25
CA PHE D 19 27.25 -1.44 3.16
C PHE D 19 27.49 -0.38 2.11
N THR D 20 27.64 -0.81 0.86
CA THR D 20 27.96 0.07 -0.26
C THR D 20 26.78 0.15 -1.22
N VAL D 21 26.55 1.34 -1.79
CA VAL D 21 25.61 1.51 -2.88
C VAL D 21 26.29 2.27 -4.01
N LYS D 22 25.90 1.95 -5.24
CA LYS D 22 26.34 2.68 -6.43
C LYS D 22 25.19 3.56 -6.92
N VAL D 23 25.42 4.87 -6.98
CA VAL D 23 24.42 5.84 -7.41
C VAL D 23 25.10 6.80 -8.37
N ASP D 24 24.47 7.05 -9.53
CA ASP D 24 24.99 7.99 -10.51
C ASP D 24 26.41 7.64 -10.91
N GLY D 25 26.71 6.34 -10.98
CA GLY D 25 28.03 5.90 -11.40
C GLY D 25 29.14 6.02 -10.38
N LYS D 26 28.82 6.21 -9.10
CA LYS D 26 29.84 6.27 -8.05
C LYS D 26 29.40 5.44 -6.87
N GLU D 27 30.38 4.85 -6.17
CA GLU D 27 30.14 4.01 -5.01
C GLU D 27 30.32 4.82 -3.73
N TYR D 28 29.49 4.51 -2.73
CA TYR D 28 29.59 5.11 -1.41
C TYR D 28 29.26 4.04 -0.37
N TRP D 29 29.95 4.08 0.78
CA TRP D 29 29.75 3.07 1.81
C TRP D 29 29.31 3.73 3.11
N THR D 30 28.53 2.99 3.91
CA THR D 30 28.09 3.50 5.20
C THR D 30 28.24 2.41 6.25
N SER D 31 28.60 2.84 7.46
CA SER D 31 28.69 1.94 8.60
C SER D 31 27.42 1.91 9.43
N ARG D 32 26.40 2.68 9.05
CA ARG D 32 25.17 2.76 9.82
C ARG D 32 24.30 1.56 9.48
N TRP D 33 24.18 0.62 10.42
CA TRP D 33 23.46 -0.62 10.11
C TRP D 33 21.99 -0.36 9.76
N ASN D 34 21.35 0.59 10.45
CA ASN D 34 19.92 0.82 10.23
C ASN D 34 19.60 1.17 8.78
N LEU D 35 20.57 1.69 8.02
CA LEU D 35 20.34 2.06 6.63
C LEU D 35 20.26 0.87 5.68
N GLN D 36 20.84 -0.29 6.06
CA GLN D 36 20.94 -1.39 5.11
C GLN D 36 19.60 -1.83 4.56
N PRO D 37 18.60 -2.21 5.37
CA PRO D 37 17.32 -2.60 4.77
C PRO D 37 16.60 -1.45 4.10
N LEU D 38 16.78 -0.21 4.60
CA LEU D 38 16.11 0.93 3.98
C LEU D 38 16.64 1.18 2.57
N LEU D 39 17.96 1.05 2.38
CA LEU D 39 18.54 1.19 1.06
C LEU D 39 18.15 0.05 0.14
N GLN D 40 18.09 -1.19 0.67
CA GLN D 40 17.77 -2.31 -0.21
C GLN D 40 16.34 -2.20 -0.72
N SER D 41 15.41 -1.70 0.11
CA SER D 41 14.04 -1.54 -0.36
C SER D 41 13.93 -0.40 -1.36
N ALA D 42 14.70 0.68 -1.18
CA ALA D 42 14.75 1.71 -2.21
C ALA D 42 15.28 1.13 -3.51
N GLN D 43 16.29 0.26 -3.43
CA GLN D 43 16.85 -0.34 -4.63
C GLN D 43 15.81 -1.19 -5.36
N LEU D 44 15.10 -2.05 -4.64
CA LEU D 44 14.24 -3.01 -5.34
C LEU D 44 13.04 -2.33 -5.99
N THR D 45 12.65 -1.15 -5.54
CA THR D 45 11.50 -0.45 -6.13
C THR D 45 11.90 0.65 -7.10
N GLY D 46 13.20 0.95 -7.24
CA GLY D 46 13.64 2.00 -8.13
C GLY D 46 13.57 3.39 -7.55
N MET D 47 13.62 3.51 -6.23
CA MET D 47 13.50 4.80 -5.58
C MET D 47 14.73 5.67 -5.87
N THR D 48 14.49 6.95 -6.15
CA THR D 48 15.60 7.89 -6.33
C THR D 48 16.13 8.31 -4.96
N VAL D 49 17.43 8.13 -4.74
CA VAL D 49 18.05 8.53 -3.48
C VAL D 49 19.11 9.59 -3.76
N THR D 50 19.37 10.42 -2.74
CA THR D 50 20.40 11.45 -2.79
C THR D 50 21.42 11.17 -1.68
N ILE D 51 22.66 10.88 -2.08
CA ILE D 51 23.76 10.66 -1.14
C ILE D 51 24.33 12.02 -0.75
N LYS D 52 24.44 12.28 0.55
CA LYS D 52 24.94 13.54 1.08
C LYS D 52 26.13 13.28 1.97
N SER D 53 27.20 14.05 1.77
CA SER D 53 28.45 13.82 2.50
C SER D 53 29.38 15.01 2.28
N SER D 54 30.41 15.09 3.13
CA SER D 54 31.44 16.12 2.98
C SER D 54 32.43 15.77 1.89
N THR D 55 32.73 14.50 1.70
CA THR D 55 33.58 14.01 0.63
C THR D 55 32.70 13.28 -0.37
N CYS D 56 32.75 13.72 -1.62
CA CYS D 56 31.86 13.20 -2.65
C CYS D 56 32.58 12.34 -3.69
N GLU D 57 33.88 12.14 -3.55
CA GLU D 57 34.60 11.27 -4.48
C GLU D 57 34.15 9.82 -4.29
N SER D 58 34.16 9.07 -5.38
CA SER D 58 33.73 7.69 -5.33
C SER D 58 34.60 6.88 -4.37
N GLY D 59 33.95 5.99 -3.62
CA GLY D 59 34.63 5.19 -2.62
C GLY D 59 34.65 5.78 -1.23
N SER D 60 34.07 6.97 -1.03
N SER D 60 34.06 6.97 -1.06
CA SER D 60 34.11 7.55 0.30
CA SER D 60 33.96 7.67 0.22
C SER D 60 32.87 7.15 1.10
C SER D 60 32.89 7.06 1.11
N GLY D 61 32.88 7.49 2.37
CA GLY D 61 31.81 7.13 3.28
C GLY D 61 30.69 8.15 3.28
N PHE D 62 29.51 7.70 3.67
CA PHE D 62 28.38 8.59 3.85
C PHE D 62 27.57 8.11 5.05
N ALA D 63 26.81 9.04 5.61
CA ALA D 63 25.85 8.68 6.65
C ALA D 63 24.57 9.50 6.56
N GLU D 64 24.33 10.17 5.43
CA GLU D 64 23.11 10.94 5.21
C GLU D 64 22.61 10.60 3.82
N VAL D 65 21.33 10.28 3.70
CA VAL D 65 20.75 9.91 2.41
C VAL D 65 19.28 10.27 2.43
N GLN D 66 18.82 10.92 1.37
CA GLN D 66 17.44 11.33 1.24
C GLN D 66 16.73 10.35 0.32
N PHE D 67 15.52 9.92 0.70
CA PHE D 67 14.70 9.02 -0.09
C PHE D 67 13.60 9.85 -0.74
N ASN D 68 13.64 9.95 -2.07
CA ASN D 68 12.75 10.85 -2.79
C ASN D 68 11.58 10.09 -3.42
N ASN D 69 10.53 10.83 -3.76
CA ASN D 69 9.34 10.24 -4.38
C ASN D 69 9.39 10.28 -5.90
N ASP D 70 10.52 10.65 -6.49
CA ASP D 70 10.73 10.59 -7.93
C ASP D 70 10.72 9.14 -8.44
N ALA E 1 -0.04 18.29 20.24
CA ALA E 1 -0.78 18.93 19.14
C ALA E 1 -0.48 18.24 17.82
N ASP E 2 -1.45 18.23 16.91
CA ASP E 2 -1.26 17.68 15.58
C ASP E 2 -0.48 18.69 14.75
N CYS E 3 0.80 18.41 14.53
CA CYS E 3 1.66 19.37 13.84
C CYS E 3 1.54 19.27 12.34
N ALA E 4 1.37 18.06 11.81
CA ALA E 4 1.25 17.86 10.38
C ALA E 4 0.37 16.66 10.12
N LYS E 5 -0.28 16.66 8.95
CA LYS E 5 -1.12 15.55 8.54
C LYS E 5 -1.08 15.50 7.02
N GLY E 6 -0.56 14.41 6.47
CA GLY E 6 -0.43 14.27 5.04
C GLY E 6 0.50 13.12 4.72
N LYS E 7 0.85 13.03 3.44
CA LYS E 7 1.75 11.97 3.02
C LYS E 7 3.20 12.46 3.03
N ILE E 8 4.12 11.52 3.15
CA ILE E 8 5.53 11.84 3.28
C ILE E 8 6.09 12.20 1.90
N GLU E 9 6.58 13.44 1.77
CA GLU E 9 7.16 13.91 0.52
C GLU E 9 8.60 13.45 0.34
N PHE E 10 9.39 13.37 1.42
CA PHE E 10 10.65 12.64 1.41
C PHE E 10 10.99 12.23 2.83
N SER E 11 11.88 11.24 2.95
CA SER E 11 12.49 10.89 4.23
C SER E 11 14.00 10.98 4.08
N LYS E 12 14.68 11.14 5.22
CA LYS E 12 16.11 11.42 5.17
C LYS E 12 16.78 10.88 6.42
N TYR E 13 17.73 9.97 6.24
CA TYR E 13 18.56 9.51 7.35
C TYR E 13 19.67 10.53 7.56
N ASN E 14 19.81 10.99 8.80
CA ASN E 14 20.75 12.06 9.09
C ASN E 14 22.04 11.52 9.68
N GLU E 15 23.09 12.33 9.57
CA GLU E 15 24.44 11.95 9.96
C GLU E 15 24.57 11.68 11.45
N ASP E 16 23.70 12.29 12.27
CA ASP E 16 23.69 12.04 13.70
C ASP E 16 22.78 10.86 14.07
N ASP E 17 22.36 10.06 13.09
CA ASP E 17 21.48 8.92 13.24
C ASP E 17 20.04 9.30 13.58
N THR E 18 19.66 10.57 13.45
CA THR E 18 18.25 10.95 13.51
C THR E 18 17.61 10.77 12.13
N PHE E 19 16.30 11.01 12.05
CA PHE E 19 15.52 10.73 10.86
C PHE E 19 14.53 11.85 10.58
N THR E 20 14.50 12.33 9.34
CA THR E 20 13.66 13.46 8.96
C THR E 20 12.62 13.04 7.93
N VAL E 21 11.42 13.59 8.03
CA VAL E 21 10.40 13.45 7.00
C VAL E 21 9.85 14.83 6.68
N LYS E 22 9.42 15.02 5.43
CA LYS E 22 8.77 16.25 5.00
C LYS E 22 7.32 15.96 4.66
N VAL E 23 6.41 16.73 5.26
CA VAL E 23 4.97 16.58 5.05
C VAL E 23 4.40 17.98 4.74
N ASP E 24 3.77 18.11 3.57
CA ASP E 24 3.15 19.37 3.11
C ASP E 24 4.15 20.53 3.08
N GLY E 25 5.41 20.23 2.81
CA GLY E 25 6.44 21.27 2.74
C GLY E 25 7.17 21.57 4.03
N LYS E 26 6.82 20.90 5.13
CA LYS E 26 7.46 21.14 6.43
C LYS E 26 8.26 19.91 6.87
N GLU E 27 9.45 20.15 7.41
CA GLU E 27 10.36 19.08 7.81
C GLU E 27 10.31 18.86 9.32
N TYR E 28 10.22 17.58 9.72
CA TYR E 28 10.24 17.16 11.11
C TYR E 28 11.28 16.06 11.29
N TRP E 29 11.97 16.06 12.42
CA TRP E 29 13.01 15.08 12.70
C TRP E 29 12.68 14.32 13.98
N THR E 30 13.20 13.10 14.09
CA THR E 30 13.02 12.27 15.27
C THR E 30 14.30 11.52 15.56
N SER E 31 14.53 11.23 16.84
CA SER E 31 15.68 10.44 17.26
C SER E 31 15.30 9.03 17.68
N ARG E 32 14.03 8.64 17.56
CA ARG E 32 13.59 7.29 17.90
C ARG E 32 13.92 6.35 16.74
N TRP E 33 14.89 5.46 16.95
CA TRP E 33 15.33 4.58 15.85
C TRP E 33 14.20 3.68 15.36
N ASN E 34 13.28 3.28 16.26
CA ASN E 34 12.17 2.42 15.86
C ASN E 34 11.35 3.05 14.74
N LEU E 35 11.28 4.38 14.69
CA LEU E 35 10.45 5.06 13.70
C LEU E 35 11.05 5.04 12.29
N GLN E 36 12.34 4.69 12.15
CA GLN E 36 12.98 4.77 10.83
C GLN E 36 12.33 3.83 9.82
N PRO E 37 12.25 2.51 10.06
CA PRO E 37 11.54 1.67 9.08
C PRO E 37 10.04 1.98 8.99
N LEU E 38 9.39 2.34 10.10
CA LEU E 38 7.97 2.63 10.05
C LEU E 38 7.67 3.82 9.15
N LEU E 39 8.49 4.88 9.23
CA LEU E 39 8.27 6.05 8.39
C LEU E 39 8.56 5.76 6.92
N GLN E 40 9.64 5.02 6.63
CA GLN E 40 9.93 4.68 5.22
C GLN E 40 8.81 3.83 4.62
N SER E 41 8.29 2.87 5.39
CA SER E 41 7.17 2.08 4.90
C SER E 41 5.94 2.96 4.63
N ALA E 42 5.67 3.93 5.51
CA ALA E 42 4.56 4.85 5.27
C ALA E 42 4.77 5.64 3.99
N GLN E 43 6.00 6.09 3.75
CA GLN E 43 6.32 6.82 2.52
C GLN E 43 6.09 5.95 1.29
N LEU E 44 6.55 4.70 1.35
CA LEU E 44 6.44 3.81 0.19
C LEU E 44 5.00 3.49 -0.18
N THR E 45 4.11 3.37 0.82
CA THR E 45 2.74 2.95 0.59
C THR E 45 1.75 4.11 0.60
N GLY E 46 2.20 5.35 0.78
CA GLY E 46 1.30 6.49 0.75
C GLY E 46 0.36 6.60 1.93
N MET E 47 0.78 6.12 3.11
CA MET E 47 -0.02 6.31 4.31
C MET E 47 -0.09 7.79 4.69
N THR E 48 -1.25 8.21 5.18
CA THR E 48 -1.39 9.54 5.76
C THR E 48 -0.87 9.49 7.19
N VAL E 49 0.15 10.29 7.48
CA VAL E 49 0.74 10.34 8.81
C VAL E 49 0.30 11.63 9.48
N THR E 50 0.04 11.55 10.79
CA THR E 50 -0.21 12.72 11.62
C THR E 50 0.94 12.82 12.62
N ILE E 51 1.78 13.85 12.48
CA ILE E 51 2.86 14.11 13.42
C ILE E 51 2.29 14.86 14.62
N LYS E 52 2.54 14.33 15.82
CA LYS E 52 2.03 14.91 17.05
C LYS E 52 3.19 15.28 17.96
N SER E 53 3.14 16.48 18.55
CA SER E 53 4.23 16.95 19.38
C SER E 53 3.76 18.13 20.21
N SER E 54 4.51 18.45 21.26
CA SER E 54 4.17 19.60 22.09
C SER E 54 4.55 20.90 21.37
N THR E 55 5.66 20.91 20.66
CA THR E 55 6.10 22.05 19.86
C THR E 55 6.00 21.68 18.39
N CYS E 56 5.23 22.45 17.62
CA CYS E 56 5.09 22.20 16.20
C CYS E 56 6.00 23.08 15.35
N GLU E 57 6.93 23.81 15.98
CA GLU E 57 7.91 24.61 15.27
C GLU E 57 8.69 23.78 14.27
N GLY E 59 11.29 23.54 12.59
CA GLY E 59 11.34 22.08 12.55
C GLY E 59 11.99 21.47 13.78
N SER E 60 11.22 21.33 14.86
CA SER E 60 11.73 20.75 16.10
C SER E 60 11.68 19.22 16.04
N GLY E 61 11.73 18.56 17.18
CA GLY E 61 11.68 17.11 17.19
C GLY E 61 10.27 16.57 17.42
N PHE E 62 10.07 15.30 17.06
CA PHE E 62 8.83 14.62 17.35
C PHE E 62 9.12 13.18 17.74
N ALA E 63 8.16 12.57 18.44
CA ALA E 63 8.29 11.16 18.80
C ALA E 63 6.94 10.46 18.87
N GLU E 64 5.89 11.02 18.28
CA GLU E 64 4.59 10.41 18.24
C GLU E 64 4.01 10.65 16.87
N VAL E 65 3.52 9.58 16.23
CA VAL E 65 2.95 9.70 14.89
C VAL E 65 1.89 8.63 14.72
N GLN E 66 0.77 9.02 14.13
CA GLN E 66 -0.30 8.11 13.77
C GLN E 66 -0.16 7.72 12.31
N PHE E 67 -0.41 6.46 12.01
CA PHE E 67 -0.32 5.93 10.66
C PHE E 67 -1.71 5.49 10.22
N ASN E 68 -2.30 6.20 9.28
CA ASN E 68 -3.59 5.82 8.73
C ASN E 68 -3.42 5.21 7.35
N ASN E 69 -4.40 4.41 6.95
CA ASN E 69 -4.32 3.70 5.68
C ASN E 69 -4.60 4.62 4.50
N ASP E 70 -5.49 5.58 4.68
CA ASP E 70 -5.88 6.54 3.66
C ASP E 70 -4.67 7.23 3.02
N ALA F 1 -7.80 -14.15 26.26
CA ALA F 1 -9.02 -14.12 25.47
C ALA F 1 -8.81 -13.39 24.15
N ASP F 2 -9.57 -13.73 23.13
CA ASP F 2 -9.53 -13.00 21.86
C ASP F 2 -10.28 -11.69 22.03
N CYS F 3 -9.55 -10.57 22.05
CA CYS F 3 -10.18 -9.27 22.32
C CYS F 3 -10.79 -8.67 21.06
N ALA F 4 -10.11 -8.80 19.92
CA ALA F 4 -10.57 -8.15 18.71
C ALA F 4 -9.94 -8.84 17.51
N LYS F 5 -10.69 -8.93 16.43
CA LYS F 5 -10.20 -9.55 15.22
C LYS F 5 -10.60 -8.70 14.03
N GLY F 6 -9.64 -8.41 13.16
CA GLY F 6 -9.89 -7.65 11.95
C GLY F 6 -8.60 -7.13 11.37
N LYS F 7 -8.74 -6.33 10.33
CA LYS F 7 -7.60 -5.59 9.79
C LYS F 7 -7.31 -4.39 10.67
N ILE F 8 -6.05 -3.97 10.68
CA ILE F 8 -5.65 -2.81 11.49
C ILE F 8 -6.15 -1.54 10.81
N GLU F 9 -6.94 -0.75 11.55
CA GLU F 9 -7.55 0.46 11.00
C GLU F 9 -6.58 1.64 11.02
N PHE F 10 -5.80 1.79 12.10
CA PHE F 10 -4.66 2.68 12.12
C PHE F 10 -3.69 2.18 13.18
N SER F 11 -2.45 2.67 13.13
CA SER F 11 -1.48 2.42 14.17
C SER F 11 -0.92 3.75 14.64
N LYS F 12 -0.23 3.72 15.78
CA LYS F 12 0.29 4.94 16.38
C LYS F 12 1.52 4.60 17.18
N TYR F 13 2.63 5.27 16.87
CA TYR F 13 3.82 5.18 17.69
C TYR F 13 3.73 6.28 18.75
N ASN F 14 3.82 5.88 20.01
CA ASN F 14 3.58 6.79 21.12
C ASN F 14 4.88 7.36 21.65
N GLU F 15 4.78 8.47 22.38
CA GLU F 15 5.97 9.17 22.89
C GLU F 15 6.77 8.33 23.87
N ASP F 16 6.10 7.42 24.59
CA ASP F 16 6.80 6.53 25.52
C ASP F 16 7.36 5.29 24.82
N ASP F 17 7.37 5.29 23.47
CA ASP F 17 7.89 4.23 22.61
C ASP F 17 7.00 2.97 22.61
N THR F 18 5.81 3.03 23.20
CA THR F 18 4.81 1.99 23.00
C THR F 18 4.12 2.19 21.65
N PHE F 19 3.35 1.19 21.24
CA PHE F 19 2.77 1.12 19.91
C PHE F 19 1.32 0.70 20.02
N THR F 20 0.42 1.47 19.41
CA THR F 20 -1.02 1.27 19.51
C THR F 20 -1.59 0.87 18.17
N VAL F 21 -2.53 -0.09 18.16
CA VAL F 21 -3.27 -0.44 16.96
C VAL F 21 -4.76 -0.36 17.26
N LYS F 22 -5.54 -0.05 16.23
CA LYS F 22 -6.99 -0.07 16.36
C LYS F 22 -7.52 -1.21 15.49
N VAL F 23 -8.28 -2.11 16.12
CA VAL F 23 -8.82 -3.31 15.48
C VAL F 23 -10.28 -3.44 15.89
N ASP F 24 -11.17 -3.57 14.90
CA ASP F 24 -12.60 -3.78 15.15
C ASP F 24 -13.16 -2.73 16.10
N GLY F 25 -12.74 -1.48 15.89
CA GLY F 25 -13.29 -0.38 16.67
C GLY F 25 -12.69 -0.20 18.05
N LYS F 26 -11.67 -0.98 18.42
CA LYS F 26 -11.08 -0.88 19.75
C LYS F 26 -9.57 -0.70 19.61
N GLU F 27 -8.99 0.03 20.57
CA GLU F 27 -7.56 0.33 20.56
C GLU F 27 -6.84 -0.52 21.61
N TYR F 28 -5.64 -0.97 21.27
CA TYR F 28 -4.80 -1.75 22.15
C TYR F 28 -3.35 -1.32 21.97
N TRP F 29 -2.55 -1.39 23.03
CA TRP F 29 -1.17 -0.93 22.98
C TRP F 29 -0.21 -2.02 23.48
N THR F 30 1.01 -2.03 22.94
CA THR F 30 2.02 -2.99 23.38
C THR F 30 3.34 -2.28 23.63
N SER F 31 4.09 -2.81 24.61
CA SER F 31 5.41 -2.30 24.96
C SER F 31 6.52 -3.11 24.29
N ARG F 32 6.19 -4.16 23.56
CA ARG F 32 7.20 -5.03 22.95
C ARG F 32 7.66 -4.41 21.64
N TRP F 33 8.87 -3.87 21.61
CA TRP F 33 9.37 -3.18 20.42
C TRP F 33 9.40 -4.12 19.20
N ASN F 34 9.74 -5.40 19.43
CA ASN F 34 9.76 -6.40 18.37
C ASN F 34 8.43 -6.46 17.62
N LEU F 35 7.32 -6.18 18.30
CA LEU F 35 6.02 -6.28 17.66
C LEU F 35 5.76 -5.14 16.68
N GLN F 36 6.45 -4.00 16.84
CA GLN F 36 6.16 -2.85 15.99
C GLN F 36 6.28 -3.16 14.50
N PRO F 37 7.40 -3.68 13.99
CA PRO F 37 7.45 -3.95 12.54
C PRO F 37 6.45 -4.99 12.09
N LEU F 38 6.13 -5.97 12.95
CA LEU F 38 5.21 -7.02 12.57
C LEU F 38 3.79 -6.47 12.46
N LEU F 39 3.39 -5.62 13.41
CA LEU F 39 2.06 -5.01 13.34
C LEU F 39 1.95 -4.07 12.16
N GLN F 40 2.97 -3.27 11.88
CA GLN F 40 2.85 -2.34 10.77
C GLN F 40 2.83 -3.07 9.43
N SER F 41 3.64 -4.12 9.29
CA SER F 41 3.59 -4.95 8.09
C SER F 41 2.19 -5.52 7.88
N ALA F 42 1.57 -6.01 8.97
CA ALA F 42 0.21 -6.51 8.90
C ALA F 42 -0.76 -5.41 8.47
N GLN F 43 -0.58 -4.20 8.99
CA GLN F 43 -1.48 -3.10 8.63
C GLN F 43 -1.40 -2.80 7.13
N LEU F 44 -0.19 -2.61 6.60
CA LEU F 44 -0.05 -2.14 5.22
C LEU F 44 -0.35 -3.22 4.18
N THR F 45 -0.32 -4.50 4.56
CA THR F 45 -0.72 -5.57 3.65
C THR F 45 -2.15 -6.06 3.89
N GLY F 46 -2.83 -5.52 4.90
CA GLY F 46 -4.19 -5.93 5.18
C GLY F 46 -4.35 -7.34 5.74
N MET F 47 -3.38 -7.82 6.53
CA MET F 47 -3.55 -9.07 7.25
C MET F 47 -4.70 -8.95 8.25
N THR F 48 -5.33 -10.08 8.56
CA THR F 48 -6.30 -10.14 9.64
C THR F 48 -5.56 -10.48 10.93
N VAL F 49 -5.66 -9.62 11.95
CA VAL F 49 -4.95 -9.87 13.20
C VAL F 49 -5.96 -10.18 14.30
N THR F 50 -5.54 -11.00 15.27
CA THR F 50 -6.37 -11.31 16.45
C THR F 50 -5.60 -10.86 17.68
N ILE F 51 -6.10 -9.84 18.38
CA ILE F 51 -5.48 -9.36 19.61
C ILE F 51 -5.90 -10.27 20.75
N LYS F 52 -4.93 -10.75 21.54
CA LYS F 52 -5.18 -11.69 22.63
C LYS F 52 -4.61 -11.12 23.92
N SER F 53 -5.42 -11.10 24.97
CA SER F 53 -5.03 -10.47 26.22
C SER F 53 -6.02 -10.88 27.30
N SER F 54 -5.55 -10.84 28.55
CA SER F 54 -6.45 -11.05 29.68
C SER F 54 -7.32 -9.83 29.95
N THR F 55 -7.04 -8.69 29.33
CA THR F 55 -7.87 -7.48 29.45
C THR F 55 -8.25 -7.05 28.05
N CYS F 56 -9.55 -7.03 27.76
CA CYS F 56 -10.01 -6.81 26.40
C CYS F 56 -10.72 -5.48 26.20
N GLU F 57 -10.83 -4.66 27.24
CA GLU F 57 -11.44 -3.34 27.06
C GLU F 57 -10.58 -2.47 26.15
N SER F 58 -11.25 -1.63 25.36
CA SER F 58 -10.53 -0.69 24.51
C SER F 58 -9.58 0.17 25.34
N GLY F 59 -8.34 0.30 24.87
CA GLY F 59 -7.31 0.99 25.62
C GLY F 59 -6.41 0.09 26.45
N SER F 60 -6.63 -1.21 26.43
N SER F 60 -6.63 -1.22 26.42
CA SER F 60 -5.83 -2.10 27.27
CA SER F 60 -5.84 -2.12 27.23
C SER F 60 -4.59 -2.59 26.53
C SER F 60 -4.53 -2.49 26.54
N GLY F 61 -3.63 -3.10 27.30
CA GLY F 61 -2.39 -3.58 26.75
C GLY F 61 -2.47 -5.01 26.26
N PHE F 62 -1.56 -5.37 25.37
CA PHE F 62 -1.46 -6.73 24.89
C PHE F 62 0.00 -7.05 24.58
N ALA F 63 0.31 -8.35 24.60
CA ALA F 63 1.61 -8.85 24.14
C ALA F 63 1.48 -10.16 23.38
N GLU F 64 0.27 -10.50 22.93
CA GLU F 64 0.05 -11.69 22.11
C GLU F 64 -0.89 -11.34 20.98
N VAL F 65 -0.54 -11.73 19.75
CA VAL F 65 -1.35 -11.40 18.58
C VAL F 65 -1.10 -12.43 17.49
N GLN F 66 -2.19 -12.90 16.89
CA GLN F 66 -2.15 -13.84 15.78
C GLN F 66 -2.30 -13.10 14.45
N PHE F 67 -1.53 -13.54 13.45
CA PHE F 67 -1.52 -12.94 12.11
C PHE F 67 -2.02 -13.97 11.11
N ASN F 68 -3.09 -13.62 10.38
CA ASN F 68 -3.64 -14.46 9.33
C ASN F 68 -3.65 -13.70 8.01
N ASN F 69 -3.43 -14.42 6.90
CA ASN F 69 -3.49 -13.76 5.59
C ASN F 69 -4.91 -13.33 5.24
N ASP F 70 -5.93 -14.01 5.77
CA ASP F 70 -7.31 -13.55 5.56
C ASP F 70 -8.21 -13.93 6.75
N ALA G 1 15.15 -33.46 11.74
CA ALA G 1 14.28 -34.03 10.71
C ALA G 1 13.41 -32.96 10.09
N ASP G 2 12.88 -33.24 8.90
CA ASP G 2 11.90 -32.36 8.26
C ASP G 2 10.53 -32.65 8.86
N CYS G 3 10.04 -31.74 9.69
N CYS G 3 10.09 -31.76 9.76
CA CYS G 3 8.83 -32.02 10.47
CA CYS G 3 8.83 -31.97 10.46
C CYS G 3 7.54 -31.55 9.80
C CYS G 3 7.65 -31.70 9.55
N ALA G 4 7.58 -30.49 9.01
CA ALA G 4 6.41 -29.97 8.33
C ALA G 4 6.85 -29.15 7.13
N LYS G 5 6.16 -29.33 6.01
CA LYS G 5 6.47 -28.61 4.78
C LYS G 5 5.18 -28.07 4.21
N GLY G 6 5.15 -26.77 3.90
CA GLY G 6 3.95 -26.14 3.39
C GLY G 6 4.03 -24.64 3.58
N LYS G 7 2.93 -23.96 3.24
CA LYS G 7 2.85 -22.54 3.49
C LYS G 7 2.47 -22.30 4.95
N ILE G 8 2.85 -21.14 5.47
CA ILE G 8 2.50 -20.78 6.85
C ILE G 8 1.01 -20.45 6.89
N GLU G 9 0.26 -21.14 7.75
CA GLU G 9 -1.18 -20.95 7.83
C GLU G 9 -1.57 -19.85 8.79
N PHE G 10 -0.81 -19.68 9.87
CA PHE G 10 -0.88 -18.48 10.67
C PHE G 10 0.44 -18.34 11.43
N SER G 11 0.71 -17.14 11.90
CA SER G 11 1.81 -16.90 12.83
C SER G 11 1.26 -16.16 14.05
N LYS G 12 2.02 -16.18 15.13
CA LYS G 12 1.56 -15.61 16.39
C LYS G 12 2.75 -15.17 17.23
N TYR G 13 2.69 -13.92 17.70
CA TYR G 13 3.62 -13.43 18.71
C TYR G 13 3.06 -13.79 20.08
N ASN G 14 3.89 -14.37 20.93
CA ASN G 14 3.46 -14.90 22.23
C ASN G 14 3.91 -13.99 23.36
N GLU G 15 3.19 -14.08 24.49
CA GLU G 15 3.47 -13.18 25.61
C GLU G 15 4.86 -13.41 26.20
N ASP G 16 5.46 -14.57 26.00
CA ASP G 16 6.82 -14.81 26.46
C ASP G 16 7.86 -14.44 25.40
N ASP G 17 7.45 -13.71 24.37
CA ASP G 17 8.28 -13.19 23.28
C ASP G 17 8.81 -14.29 22.37
N THR G 18 8.34 -15.53 22.50
CA THR G 18 8.53 -16.49 21.43
C THR G 18 7.54 -16.22 20.30
N PHE G 19 7.63 -17.01 19.23
CA PHE G 19 6.90 -16.78 18.00
C PHE G 19 6.50 -18.13 17.43
N THR G 20 5.21 -18.28 17.13
CA THR G 20 4.65 -19.56 16.69
C THR G 20 4.23 -19.47 15.23
N VAL G 21 4.50 -20.53 14.46
CA VAL G 21 3.96 -20.68 13.12
C VAL G 21 3.23 -22.03 13.03
N LYS G 22 2.20 -22.07 12.19
CA LYS G 22 1.49 -23.31 11.88
C LYS G 22 1.75 -23.67 10.43
N VAL G 23 2.26 -24.90 10.21
CA VAL G 23 2.66 -25.38 8.90
C VAL G 23 2.17 -26.82 8.78
N ASP G 24 1.47 -27.12 7.68
CA ASP G 24 0.92 -28.45 7.45
C ASP G 24 0.13 -28.96 8.67
N GLY G 25 -0.65 -28.08 9.29
CA GLY G 25 -1.50 -28.51 10.38
C GLY G 25 -0.83 -28.67 11.73
N LYS G 26 0.45 -28.33 11.85
CA LYS G 26 1.18 -28.49 13.09
C LYS G 26 1.79 -27.15 13.51
N GLU G 27 1.77 -26.89 14.82
CA GLU G 27 2.27 -25.64 15.37
C GLU G 27 3.68 -25.84 15.91
N TYR G 28 4.55 -24.85 15.69
CA TYR G 28 5.89 -24.86 16.25
C TYR G 28 6.26 -23.46 16.71
N TRP G 29 6.97 -23.37 17.85
CA TRP G 29 7.39 -22.08 18.41
C TRP G 29 8.91 -21.93 18.38
N THR G 30 9.37 -20.69 18.21
CA THR G 30 10.81 -20.41 18.28
C THR G 30 11.07 -19.22 19.19
N SER G 31 12.20 -19.29 19.92
CA SER G 31 12.69 -18.17 20.70
C SER G 31 13.74 -17.35 19.97
N ARG G 32 14.06 -17.69 18.71
CA ARG G 32 15.05 -16.91 17.96
C ARG G 32 14.35 -15.67 17.41
N TRP G 33 14.69 -14.50 17.94
CA TRP G 33 13.94 -13.29 17.55
C TRP G 33 14.14 -12.93 16.08
N ASN G 34 15.31 -13.21 15.50
CA ASN G 34 15.54 -12.88 14.11
C ASN G 34 14.58 -13.58 13.16
N LEU G 35 13.97 -14.70 13.57
CA LEU G 35 13.04 -15.42 12.70
C LEU G 35 11.68 -14.74 12.58
N GLN G 36 11.34 -13.82 13.50
CA GLN G 36 10.01 -13.23 13.48
C GLN G 36 9.73 -12.49 12.16
N PRO G 37 10.52 -11.49 11.74
CA PRO G 37 10.19 -10.82 10.46
C PRO G 37 10.40 -11.72 9.25
N LEU G 38 11.37 -12.63 9.31
CA LEU G 38 11.59 -13.54 8.20
C LEU G 38 10.39 -14.46 8.00
N LEU G 39 9.80 -14.95 9.09
CA LEU G 39 8.64 -15.84 8.96
C LEU G 39 7.41 -15.07 8.48
N GLN G 40 7.24 -13.83 8.93
CA GLN G 40 6.11 -13.04 8.46
C GLN G 40 6.21 -12.77 6.97
N SER G 41 7.41 -12.42 6.48
CA SER G 41 7.57 -12.23 5.04
C SER G 41 7.26 -13.53 4.29
N ALA G 42 7.73 -14.65 4.81
CA ALA G 42 7.44 -15.94 4.17
C ALA G 42 5.94 -16.20 4.16
N GLN G 43 5.25 -15.86 5.25
CA GLN G 43 3.81 -16.07 5.31
C GLN G 43 3.07 -15.19 4.31
N LEU G 44 3.44 -13.91 4.25
CA LEU G 44 2.78 -12.98 3.35
C LEU G 44 2.95 -13.38 1.90
N THR G 45 4.10 -13.94 1.54
CA THR G 45 4.39 -14.22 0.14
C THR G 45 4.09 -15.66 -0.27
N GLY G 46 3.61 -16.48 0.66
CA GLY G 46 3.31 -17.87 0.34
C GLY G 46 4.52 -18.72 0.02
N MET G 47 5.66 -18.45 0.65
CA MET G 47 6.80 -19.35 0.48
C MET G 47 6.46 -20.73 1.03
N THR G 48 7.07 -21.75 0.44
CA THR G 48 7.05 -23.09 1.02
C THR G 48 8.14 -23.17 2.08
N VAL G 49 7.75 -23.36 3.34
CA VAL G 49 8.74 -23.45 4.41
C VAL G 49 8.80 -24.89 4.90
N THR G 50 10.00 -25.33 5.30
CA THR G 50 10.22 -26.65 5.87
C THR G 50 10.74 -26.44 7.29
N ILE G 51 9.95 -26.83 8.28
CA ILE G 51 10.38 -26.76 9.67
C ILE G 51 11.29 -27.94 9.96
N LYS G 52 12.43 -27.67 10.60
CA LYS G 52 13.43 -28.71 10.84
C LYS G 52 13.71 -28.77 12.35
N SER G 53 13.65 -29.96 12.91
CA SER G 53 13.78 -30.10 14.36
C SER G 53 13.93 -31.56 14.72
N SER G 54 14.54 -31.81 15.87
CA SER G 54 14.64 -33.18 16.37
C SER G 54 13.31 -33.68 16.92
N THR G 55 12.37 -32.79 17.18
CA THR G 55 11.06 -33.16 17.70
C THR G 55 10.00 -32.60 16.75
N CYS G 56 9.20 -33.48 16.16
CA CYS G 56 8.26 -33.05 15.15
C CYS G 56 6.83 -32.92 15.65
N GLU G 57 6.58 -33.27 16.91
CA GLU G 57 5.23 -33.19 17.46
C GLU G 57 4.75 -31.75 17.46
N SER G 58 3.46 -31.57 17.17
CA SER G 58 2.86 -30.24 17.23
C SER G 58 2.97 -29.67 18.63
N GLY G 59 3.29 -28.38 18.70
CA GLY G 59 3.53 -27.72 19.97
C GLY G 59 4.98 -27.64 20.39
N SER G 60 5.89 -28.26 19.65
CA SER G 60 7.27 -28.29 20.12
C SER G 60 8.05 -27.11 19.53
N GLY G 61 9.31 -26.97 19.97
CA GLY G 61 10.12 -25.85 19.53
C GLY G 61 10.92 -26.15 18.27
N PHE G 62 11.36 -25.08 17.60
CA PHE G 62 12.26 -25.20 16.46
C PHE G 62 13.19 -23.99 16.41
N ALA G 63 14.33 -24.18 15.75
CA ALA G 63 15.27 -23.09 15.52
C ALA G 63 15.94 -23.22 14.14
N GLU G 64 15.38 -24.03 13.25
CA GLU G 64 15.92 -24.22 11.91
C GLU G 64 14.74 -24.30 10.95
N VAL G 65 14.83 -23.58 9.83
CA VAL G 65 13.73 -23.52 8.88
C VAL G 65 14.26 -23.14 7.51
N GLN G 66 13.86 -23.88 6.49
CA GLN G 66 14.26 -23.63 5.11
C GLN G 66 13.15 -22.87 4.38
N PHE G 67 13.54 -21.90 3.55
CA PHE G 67 12.60 -21.09 2.76
C PHE G 67 12.80 -21.40 1.29
N ASN G 68 11.75 -21.90 0.63
CA ASN G 68 11.78 -22.17 -0.80
C ASN G 68 10.71 -21.35 -1.51
N ASN G 69 11.00 -20.96 -2.75
CA ASN G 69 9.97 -20.39 -3.61
C ASN G 69 9.32 -21.51 -4.43
N ASP G 70 8.34 -21.13 -5.26
CA ASP G 70 7.65 -22.09 -6.13
C ASP G 70 8.62 -22.76 -7.11
N GLY H 1 -30.71 -10.29 -15.99
CA GLY H 1 -29.55 -10.52 -16.84
C GLY H 1 -28.38 -9.62 -16.52
N PHE H 2 -27.80 -9.80 -15.34
CA PHE H 2 -26.63 -9.04 -14.89
C PHE H 2 -25.34 -9.83 -15.01
N GLY H 3 -25.36 -11.00 -15.62
CA GLY H 3 -24.15 -11.78 -15.68
C GLY H 3 -23.62 -12.13 -14.29
N LEU H 4 -22.29 -12.35 -14.22
CA LEU H 4 -21.68 -12.85 -13.00
C LEU H 4 -21.17 -11.76 -12.08
N PHE H 5 -20.98 -10.54 -12.57
CA PHE H 5 -20.29 -9.51 -11.81
C PHE H 5 -21.00 -8.17 -11.73
N ASP H 6 -21.92 -7.85 -12.63
CA ASP H 6 -22.53 -6.52 -12.63
C ASP H 6 -23.56 -6.37 -11.52
#